data_7WL0
#
_entry.id   7WL0
#
_cell.length_a   59.770
_cell.length_b   132.370
_cell.length_c   77.960
_cell.angle_alpha   90.000
_cell.angle_beta   100.990
_cell.angle_gamma   90.000
#
_symmetry.space_group_name_H-M   'P 1 21 1'
#
loop_
_entity.id
_entity.type
_entity.pdbx_description
1 polymer 'RNA demethylase ALKBH5'
2 polymer "RNA (5'-R(*UP*GP*GP*(6MZ)P*CP*UP*GP*C)-3')"
3 non-polymer 'MANGANESE (II) ION'
4 non-polymer N-OXALYLGLYCINE
5 non-polymer 'FORMIC ACID'
6 water water
#
loop_
_entity_poly.entity_id
_entity_poly.type
_entity_poly.pdbx_seq_one_letter_code
_entity_poly.pdbx_strand_id
1 'polypeptide(L)'
;SQQLQKEEEARKVKSGIRQMRLFSQDECAKIEARIDEVVSRAEKGLYNEHTVDRAPLRNKYFFGEGYTYGAQLQKRGPGQ
ERLYPPGDVDEIPEWVHQLVIQKLVEHRVIPEGFVNSAVINDYQPGGCIVSHVDPIHIFERPIVSVSFFSDSALCFGCKF
QFKPIRVSEPVLSLPVRRGSVTVLSGYAADEITHCIRPQDIKERRAVIILRKTRLDAPRL
;
A,C,E,G,I
2 'polyribonucleotide' UGG(6MZ)CUGC B,D,F,H,J
#
# COMPACT_ATOMS: atom_id res chain seq x y z
N GLU A 7 -6.98 10.20 -17.01
CA GLU A 7 -7.40 11.18 -16.02
C GLU A 7 -8.84 10.91 -15.57
N GLU A 8 -9.79 11.53 -16.27
CA GLU A 8 -11.20 11.27 -15.96
C GLU A 8 -11.63 9.90 -16.44
N GLU A 9 -10.99 9.37 -17.49
CA GLU A 9 -11.35 8.03 -17.96
C GLU A 9 -10.79 6.95 -17.06
N ALA A 10 -9.66 7.22 -16.40
CA ALA A 10 -9.06 6.22 -15.51
C ALA A 10 -10.00 5.88 -14.36
N ARG A 11 -10.70 6.88 -13.81
CA ARG A 11 -11.69 6.61 -12.77
C ARG A 11 -12.88 5.83 -13.32
N LYS A 12 -13.25 6.07 -14.57
CA LYS A 12 -14.32 5.28 -15.18
C LYS A 12 -13.93 3.81 -15.29
N VAL A 13 -12.65 3.54 -15.55
CA VAL A 13 -12.20 2.16 -15.64
C VAL A 13 -12.16 1.50 -14.27
N LYS A 14 -11.75 2.27 -13.24
CA LYS A 14 -11.62 1.69 -11.90
C LYS A 14 -12.94 1.21 -11.35
N SER A 15 -14.05 1.82 -11.77
CA SER A 15 -15.36 1.43 -11.25
C SER A 15 -15.77 0.03 -11.68
N GLY A 16 -15.14 -0.52 -12.71
CA GLY A 16 -15.52 -1.83 -13.19
C GLY A 16 -14.47 -2.89 -12.94
N ILE A 17 -13.59 -2.65 -11.97
CA ILE A 17 -12.50 -3.56 -11.64
C ILE A 17 -12.69 -4.06 -10.21
N ARG A 18 -12.67 -5.37 -10.06
CA ARG A 18 -12.66 -5.99 -8.76
C ARG A 18 -11.41 -6.81 -8.72
N GLN A 19 -10.73 -6.87 -7.61
CA GLN A 19 -9.47 -7.60 -7.52
C GLN A 19 -9.18 -7.95 -6.08
N MET A 20 -8.75 -9.20 -5.85
CA MET A 20 -8.41 -9.65 -4.51
C MET A 20 -7.55 -10.90 -4.60
N ARG A 21 -6.69 -11.08 -3.60
CA ARG A 21 -5.86 -12.27 -3.48
C ARG A 21 -6.74 -13.39 -2.94
N LEU A 22 -7.21 -14.26 -3.83
CA LEU A 22 -8.12 -15.34 -3.45
C LEU A 22 -7.40 -16.66 -3.21
N PHE A 23 -6.38 -16.98 -4.00
CA PHE A 23 -5.71 -18.25 -3.94
C PHE A 23 -4.38 -18.12 -3.19
N SER A 24 -4.15 -19.02 -2.24
CA SER A 24 -2.93 -18.98 -1.44
C SER A 24 -1.75 -19.48 -2.27
N GLN A 25 -0.59 -19.57 -1.63
CA GLN A 25 0.59 -20.10 -2.31
C GLN A 25 0.46 -21.60 -2.55
N ASP A 26 -0.07 -22.33 -1.57
CA ASP A 26 -0.27 -23.77 -1.75
C ASP A 26 -1.31 -24.05 -2.83
N GLU A 27 -2.40 -23.28 -2.85
CA GLU A 27 -3.43 -23.47 -3.87
C GLU A 27 -2.91 -23.13 -5.26
N CYS A 28 -2.03 -22.13 -5.37
CA CYS A 28 -1.47 -21.78 -6.67
C CYS A 28 -0.57 -22.89 -7.19
N ALA A 29 0.27 -23.47 -6.32
CA ALA A 29 1.18 -24.51 -6.74
C ALA A 29 0.43 -25.72 -7.30
N LYS A 30 -0.68 -26.09 -6.68
CA LYS A 30 -1.46 -27.23 -7.16
C LYS A 30 -2.09 -26.92 -8.51
N ILE A 31 -2.59 -25.70 -8.69
CA ILE A 31 -3.18 -25.32 -9.98
C ILE A 31 -2.10 -25.22 -11.05
N GLU A 32 -0.93 -24.66 -10.69
CA GLU A 32 0.15 -24.51 -11.67
C GLU A 32 0.69 -25.86 -12.12
N ALA A 33 0.62 -26.88 -11.26
CA ALA A 33 1.00 -28.22 -11.69
C ALA A 33 -0.01 -28.77 -12.70
N ARG A 34 -1.29 -28.43 -12.53
CA ARG A 34 -2.29 -28.85 -13.51
C ARG A 34 -2.10 -28.14 -14.84
N ILE A 35 -1.67 -26.87 -14.79
CA ILE A 35 -1.38 -26.14 -16.04
C ILE A 35 -0.23 -26.80 -16.78
N ASP A 36 0.76 -27.31 -16.04
CA ASP A 36 1.85 -28.04 -16.67
C ASP A 36 1.37 -29.33 -17.29
N GLU A 37 0.35 -29.97 -16.70
CA GLU A 37 -0.22 -31.17 -17.32
C GLU A 37 -0.90 -30.83 -18.64
N VAL A 38 -1.56 -29.67 -18.71
CA VAL A 38 -2.22 -29.25 -19.94
C VAL A 38 -1.19 -29.01 -21.03
N VAL A 39 -0.09 -28.33 -20.69
CA VAL A 39 0.96 -28.08 -21.68
C VAL A 39 1.56 -29.39 -22.15
N SER A 40 1.67 -30.38 -21.26
CA SER A 40 2.24 -31.67 -21.64
C SER A 40 1.33 -32.41 -22.62
N ARG A 41 0.03 -32.45 -22.33
CA ARG A 41 -0.90 -33.13 -23.23
C ARG A 41 -0.97 -32.43 -24.58
N ALA A 42 -0.88 -31.10 -24.58
CA ALA A 42 -0.89 -30.36 -25.85
C ALA A 42 0.33 -30.68 -26.69
N GLU A 43 1.49 -30.82 -26.06
CA GLU A 43 2.70 -31.16 -26.79
C GLU A 43 2.62 -32.56 -27.36
N LYS A 44 1.99 -33.49 -26.62
CA LYS A 44 1.80 -34.85 -27.10
C LYS A 44 0.65 -34.98 -28.08
N GLY A 45 -0.03 -33.89 -28.40
CA GLY A 45 -1.14 -33.93 -29.34
C GLY A 45 -2.35 -34.69 -28.86
N LEU A 46 -2.57 -34.73 -27.53
CA LEU A 46 -3.67 -35.49 -26.97
C LEU A 46 -4.98 -34.71 -26.91
N TYR A 47 -4.96 -33.42 -27.18
CA TYR A 47 -6.17 -32.63 -27.21
C TYR A 47 -6.71 -32.53 -28.64
N ASN A 48 -7.97 -32.11 -28.75
CA ASN A 48 -8.54 -31.81 -30.05
C ASN A 48 -7.76 -30.66 -30.71
N GLU A 49 -7.89 -30.56 -32.03
CA GLU A 49 -7.07 -29.62 -32.78
C GLU A 49 -7.37 -28.18 -32.38
N HIS A 50 -8.65 -27.85 -32.18
CA HIS A 50 -9.05 -26.48 -31.86
C HIS A 50 -8.95 -26.16 -30.38
N THR A 51 -8.50 -27.10 -29.55
CA THR A 51 -8.27 -26.80 -28.14
C THR A 51 -6.98 -26.03 -27.92
N VAL A 52 -5.96 -26.29 -28.75
CA VAL A 52 -4.65 -25.67 -28.61
C VAL A 52 -4.50 -24.60 -29.68
N ASP A 53 -4.12 -23.39 -29.25
CA ASP A 53 -3.85 -22.29 -30.17
C ASP A 53 -2.47 -21.73 -29.84
N ARG A 54 -1.51 -21.94 -30.73
CA ARG A 54 -0.12 -21.63 -30.47
C ARG A 54 0.30 -20.34 -31.16
N ALA A 55 1.20 -19.61 -30.49
CA ALA A 55 1.79 -18.37 -30.98
C ALA A 55 3.26 -18.36 -30.58
N PRO A 56 4.09 -17.47 -31.14
CA PRO A 56 5.52 -17.48 -30.79
C PRO A 56 5.83 -17.47 -29.29
N LEU A 57 5.18 -16.59 -28.52
CA LEU A 57 5.46 -16.49 -27.10
C LEU A 57 4.21 -16.66 -26.24
N ARG A 58 3.16 -17.27 -26.77
CA ARG A 58 1.92 -17.43 -26.01
C ARG A 58 1.14 -18.60 -26.57
N ASN A 59 0.54 -19.38 -25.68
CA ASN A 59 -0.36 -20.47 -26.04
C ASN A 59 -1.70 -20.28 -25.36
N LYS A 60 -2.78 -20.50 -26.11
CA LYS A 60 -4.13 -20.45 -25.58
C LYS A 60 -4.72 -21.85 -25.59
N TYR A 61 -5.35 -22.23 -24.48
CA TYR A 61 -5.96 -23.55 -24.32
C TYR A 61 -7.44 -23.35 -24.05
N PHE A 62 -8.28 -23.73 -25.02
CA PHE A 62 -9.71 -23.49 -24.98
C PHE A 62 -10.41 -24.73 -24.42
N PHE A 63 -11.08 -24.57 -23.28
CA PHE A 63 -11.89 -25.61 -22.67
C PHE A 63 -13.31 -25.10 -22.48
N GLY A 64 -14.27 -25.99 -22.66
CA GLY A 64 -15.67 -25.60 -22.63
C GLY A 64 -16.09 -24.92 -23.91
N GLU A 65 -15.60 -23.70 -24.14
CA GLU A 65 -15.84 -22.97 -25.37
C GLU A 65 -14.58 -22.22 -25.77
N GLY A 66 -14.24 -22.29 -27.06
CA GLY A 66 -13.17 -21.52 -27.63
C GLY A 66 -13.68 -20.47 -28.59
N TYR A 67 -12.74 -19.74 -29.19
CA TYR A 67 -13.09 -18.70 -30.12
C TYR A 67 -11.96 -18.49 -31.13
N THR A 68 -12.33 -18.00 -32.31
CA THR A 68 -11.37 -17.58 -33.32
C THR A 68 -11.11 -16.08 -33.16
N TYR A 69 -9.89 -15.67 -33.48
CA TYR A 69 -9.49 -14.29 -33.29
C TYR A 69 -8.30 -13.96 -34.17
N GLY A 70 -8.11 -12.68 -34.41
CA GLY A 70 -6.91 -12.21 -35.07
C GLY A 70 -6.77 -12.73 -36.49
N ALA A 71 -5.60 -13.31 -36.79
CA ALA A 71 -5.32 -13.79 -38.14
C ALA A 71 -6.23 -14.93 -38.55
N GLN A 72 -6.85 -15.62 -37.58
CA GLN A 72 -7.82 -16.66 -37.89
C GLN A 72 -9.10 -16.11 -38.53
N LEU A 73 -9.32 -14.80 -38.44
CA LEU A 73 -10.50 -14.18 -39.04
C LEU A 73 -10.20 -13.79 -40.49
N GLN A 74 -11.07 -14.21 -41.41
CA GLN A 74 -10.90 -13.82 -42.80
C GLN A 74 -11.18 -12.34 -42.99
N LYS A 75 -12.34 -11.88 -42.52
CA LYS A 75 -12.66 -10.46 -42.47
C LYS A 75 -12.43 -9.98 -41.04
N ARG A 76 -11.51 -9.02 -40.88
CA ARG A 76 -11.16 -8.51 -39.56
C ARG A 76 -12.05 -7.31 -39.24
N GLY A 77 -12.93 -7.46 -38.26
CA GLY A 77 -13.82 -6.41 -37.87
C GLY A 77 -14.60 -6.76 -36.62
N PRO A 78 -15.35 -5.79 -36.08
CA PRO A 78 -16.17 -6.07 -34.90
C PRO A 78 -17.25 -7.10 -35.21
N GLY A 79 -17.47 -8.01 -34.27
CA GLY A 79 -18.47 -9.05 -34.44
C GLY A 79 -18.06 -10.21 -35.32
N GLN A 80 -16.80 -10.27 -35.73
CA GLN A 80 -16.35 -11.32 -36.64
C GLN A 80 -15.84 -12.56 -35.92
N GLU A 81 -15.54 -12.47 -34.63
CA GLU A 81 -15.12 -13.65 -33.88
C GLU A 81 -16.24 -14.68 -33.83
N ARG A 82 -15.85 -15.95 -33.77
CA ARG A 82 -16.81 -17.05 -33.79
C ARG A 82 -16.44 -18.08 -32.75
N LEU A 83 -17.46 -18.69 -32.15
CA LEU A 83 -17.24 -19.89 -31.36
C LEU A 83 -16.97 -21.07 -32.30
N TYR A 84 -16.34 -22.10 -31.75
CA TYR A 84 -16.14 -23.32 -32.50
C TYR A 84 -17.42 -24.15 -32.48
N PRO A 85 -17.55 -25.10 -33.42
CA PRO A 85 -18.79 -25.90 -33.50
C PRO A 85 -19.11 -26.57 -32.18
N PRO A 86 -20.37 -26.94 -31.95
CA PRO A 86 -20.75 -27.53 -30.66
C PRO A 86 -19.96 -28.80 -30.37
N GLY A 87 -19.33 -28.82 -29.19
CA GLY A 87 -18.52 -29.95 -28.78
C GLY A 87 -17.15 -30.05 -29.40
N ASP A 88 -16.72 -29.02 -30.14
CA ASP A 88 -15.43 -29.08 -30.81
C ASP A 88 -14.28 -29.12 -29.82
N VAL A 89 -14.13 -28.05 -29.03
CA VAL A 89 -13.03 -27.99 -28.08
C VAL A 89 -13.28 -28.96 -26.92
N ASP A 90 -12.22 -29.26 -26.19
CA ASP A 90 -12.30 -30.21 -25.10
C ASP A 90 -13.10 -29.63 -23.93
N GLU A 91 -13.67 -30.53 -23.13
CA GLU A 91 -14.48 -30.14 -22.00
C GLU A 91 -13.63 -29.44 -20.93
N ILE A 92 -14.30 -28.75 -20.02
CA ILE A 92 -13.60 -28.13 -18.89
C ILE A 92 -13.03 -29.21 -18.00
N PRO A 93 -11.74 -29.20 -17.70
CA PRO A 93 -11.16 -30.24 -16.84
C PRO A 93 -11.77 -30.21 -15.45
N GLU A 94 -11.78 -31.37 -14.80
CA GLU A 94 -12.38 -31.46 -13.47
C GLU A 94 -11.64 -30.60 -12.45
N TRP A 95 -10.33 -30.45 -12.60
CA TRP A 95 -9.57 -29.64 -11.65
C TRP A 95 -9.91 -28.16 -11.77
N VAL A 96 -10.28 -27.71 -12.97
CA VAL A 96 -10.72 -26.33 -13.14
C VAL A 96 -12.01 -26.09 -12.35
N HIS A 97 -12.94 -27.05 -12.40
CA HIS A 97 -14.17 -26.93 -11.63
C HIS A 97 -13.87 -26.92 -10.13
N GLN A 98 -13.03 -27.85 -9.66
CA GLN A 98 -12.84 -28.04 -8.23
C GLN A 98 -11.90 -27.01 -7.62
N LEU A 99 -10.79 -26.69 -8.30
CA LEU A 99 -9.77 -25.85 -7.70
C LEU A 99 -9.98 -24.36 -7.96
N VAL A 100 -10.57 -24.00 -9.09
CA VAL A 100 -10.73 -22.60 -9.49
C VAL A 100 -12.18 -22.16 -9.43
N ILE A 101 -13.06 -22.79 -10.20
CA ILE A 101 -14.44 -22.31 -10.32
C ILE A 101 -15.18 -22.45 -8.99
N GLN A 102 -14.97 -23.57 -8.29
CA GLN A 102 -15.65 -23.77 -7.02
C GLN A 102 -15.25 -22.72 -6.00
N LYS A 103 -13.97 -22.34 -5.99
CA LYS A 103 -13.51 -21.30 -5.08
C LYS A 103 -14.18 -19.96 -5.39
N LEU A 104 -14.33 -19.65 -6.68
CA LEU A 104 -14.95 -18.39 -7.07
C LEU A 104 -16.45 -18.38 -6.75
N VAL A 105 -17.12 -19.51 -6.96
CA VAL A 105 -18.54 -19.58 -6.65
C VAL A 105 -18.78 -19.51 -5.15
N GLU A 106 -17.96 -20.21 -4.37
CA GLU A 106 -18.13 -20.20 -2.92
C GLU A 106 -17.83 -18.83 -2.33
N HIS A 107 -16.95 -18.05 -2.96
CA HIS A 107 -16.68 -16.69 -2.55
C HIS A 107 -17.55 -15.67 -3.27
N ARG A 108 -18.58 -16.14 -3.99
CA ARG A 108 -19.60 -15.30 -4.61
C ARG A 108 -19.04 -14.34 -5.65
N VAL A 109 -17.86 -14.65 -6.21
CA VAL A 109 -17.35 -13.85 -7.32
C VAL A 109 -18.28 -13.92 -8.51
N ILE A 110 -18.75 -15.12 -8.84
CA ILE A 110 -19.74 -15.31 -9.90
C ILE A 110 -20.75 -16.35 -9.46
N PRO A 111 -21.98 -16.25 -9.96
CA PRO A 111 -23.02 -17.21 -9.57
C PRO A 111 -22.67 -18.63 -10.00
N GLU A 112 -23.30 -19.59 -9.35
CA GLU A 112 -23.11 -20.98 -9.71
C GLU A 112 -23.70 -21.26 -11.09
N GLY A 113 -22.99 -22.05 -11.88
CA GLY A 113 -23.41 -22.31 -13.24
C GLY A 113 -23.15 -21.20 -14.23
N PHE A 114 -22.40 -20.16 -13.82
CA PHE A 114 -22.10 -19.06 -14.73
C PHE A 114 -21.02 -19.43 -15.72
N VAL A 115 -19.89 -19.96 -15.24
CA VAL A 115 -18.75 -20.23 -16.10
C VAL A 115 -19.07 -21.45 -16.97
N ASN A 116 -19.05 -21.24 -18.30
CA ASN A 116 -19.10 -22.34 -19.25
C ASN A 116 -17.91 -22.36 -20.18
N SER A 117 -16.94 -21.46 -19.98
CA SER A 117 -15.75 -21.37 -20.83
C SER A 117 -14.57 -21.02 -19.94
N ALA A 118 -13.53 -21.86 -19.98
CA ALA A 118 -12.29 -21.62 -19.26
C ALA A 118 -11.14 -21.66 -20.25
N VAL A 119 -10.43 -20.55 -20.37
CA VAL A 119 -9.34 -20.40 -21.33
C VAL A 119 -8.06 -20.13 -20.57
N ILE A 120 -7.02 -20.92 -20.84
CA ILE A 120 -5.72 -20.78 -20.22
C ILE A 120 -4.78 -20.10 -21.22
N ASN A 121 -4.21 -18.97 -20.80
CA ASN A 121 -3.18 -18.29 -21.57
C ASN A 121 -1.85 -18.52 -20.88
N ASP A 122 -0.89 -19.08 -21.62
CA ASP A 122 0.45 -19.38 -21.09
C ASP A 122 1.46 -18.49 -21.81
N TYR A 123 2.04 -17.54 -21.09
CA TYR A 123 2.96 -16.57 -21.67
C TYR A 123 4.40 -16.98 -21.39
N GLN A 124 5.21 -17.04 -22.45
CA GLN A 124 6.65 -17.14 -22.29
C GLN A 124 7.21 -15.77 -21.93
N PRO A 125 8.41 -15.72 -21.36
CA PRO A 125 9.02 -14.43 -21.02
C PRO A 125 9.09 -13.51 -22.23
N GLY A 126 8.53 -12.31 -22.08
CA GLY A 126 8.47 -11.36 -23.17
C GLY A 126 7.19 -11.40 -23.98
N GLY A 127 6.29 -12.34 -23.69
CA GLY A 127 5.04 -12.43 -24.42
C GLY A 127 4.13 -11.24 -24.17
N CYS A 128 3.05 -11.20 -24.93
CA CYS A 128 2.10 -10.09 -24.86
C CYS A 128 0.78 -10.54 -25.47
N ILE A 129 -0.20 -9.65 -25.42
CA ILE A 129 -1.45 -9.81 -26.16
C ILE A 129 -1.95 -8.42 -26.53
N VAL A 130 -2.30 -8.24 -27.81
CA VAL A 130 -2.62 -6.92 -28.31
C VAL A 130 -3.94 -6.43 -27.72
N SER A 131 -4.04 -5.12 -27.51
CA SER A 131 -5.23 -4.52 -26.92
C SER A 131 -6.49 -4.96 -27.65
N HIS A 132 -7.54 -5.25 -26.88
CA HIS A 132 -8.77 -5.77 -27.44
C HIS A 132 -9.87 -5.66 -26.40
N VAL A 133 -11.10 -5.52 -26.89
CA VAL A 133 -12.28 -5.74 -26.08
C VAL A 133 -12.71 -7.18 -26.27
N ASP A 134 -12.90 -7.90 -25.16
CA ASP A 134 -13.45 -9.24 -25.23
C ASP A 134 -14.77 -9.20 -25.99
N PRO A 135 -14.91 -9.96 -27.09
CA PRO A 135 -16.04 -9.76 -28.01
C PRO A 135 -17.40 -9.70 -27.32
N ILE A 136 -18.09 -8.57 -27.51
CA ILE A 136 -19.37 -8.36 -26.84
C ILE A 136 -20.43 -9.31 -27.40
N HIS A 137 -20.28 -9.75 -28.65
CA HIS A 137 -21.21 -10.68 -29.26
C HIS A 137 -20.91 -12.13 -28.88
N ILE A 138 -19.88 -12.38 -28.08
CA ILE A 138 -19.47 -13.72 -27.68
C ILE A 138 -19.68 -13.93 -26.18
N PHE A 139 -19.04 -13.12 -25.35
CA PHE A 139 -19.01 -13.34 -23.91
C PHE A 139 -19.94 -12.40 -23.18
N GLU A 140 -20.62 -12.93 -22.17
CA GLU A 140 -21.37 -12.09 -21.25
C GLU A 140 -20.41 -11.44 -20.24
N ARG A 141 -20.94 -10.52 -19.47
CA ARG A 141 -20.18 -9.89 -18.41
C ARG A 141 -20.67 -10.40 -17.06
N PRO A 142 -19.82 -10.41 -16.03
CA PRO A 142 -18.43 -9.94 -16.00
C PRO A 142 -17.41 -10.94 -16.54
N ILE A 143 -16.14 -10.55 -16.52
CA ILE A 143 -15.05 -11.37 -17.04
C ILE A 143 -14.06 -11.61 -15.90
N VAL A 144 -13.80 -12.88 -15.61
CA VAL A 144 -12.97 -13.29 -14.48
C VAL A 144 -11.68 -13.89 -15.00
N SER A 145 -10.55 -13.49 -14.40
CA SER A 145 -9.25 -14.03 -14.74
C SER A 145 -8.42 -14.20 -13.48
N VAL A 146 -7.67 -15.30 -13.42
CA VAL A 146 -6.82 -15.62 -12.27
C VAL A 146 -5.40 -15.84 -12.78
N SER A 147 -4.45 -15.11 -12.21
CA SER A 147 -3.06 -15.16 -12.65
C SER A 147 -2.28 -16.18 -11.82
N PHE A 148 -1.25 -16.76 -12.44
CA PHE A 148 -0.44 -17.77 -11.78
C PHE A 148 1.02 -17.63 -12.23
N PHE A 149 1.88 -18.43 -11.58
CA PHE A 149 3.30 -18.57 -11.90
C PHE A 149 4.13 -17.34 -11.53
N SER A 150 3.64 -16.13 -11.84
CA SER A 150 4.41 -14.93 -11.54
C SER A 150 3.48 -13.72 -11.54
N ASP A 151 4.00 -12.61 -11.03
CA ASP A 151 3.27 -11.34 -11.04
C ASP A 151 3.44 -10.65 -12.39
N SER A 152 2.45 -9.83 -12.72
CA SER A 152 2.48 -9.04 -13.95
C SER A 152 1.49 -7.89 -13.81
N ALA A 153 1.10 -7.30 -14.94
CA ALA A 153 0.19 -6.17 -14.92
C ALA A 153 -0.77 -6.27 -16.11
N LEU A 154 -1.95 -5.69 -15.93
CA LEU A 154 -2.96 -5.57 -16.98
C LEU A 154 -3.14 -4.09 -17.30
N CYS A 155 -2.94 -3.73 -18.56
CA CYS A 155 -3.00 -2.34 -19.00
C CYS A 155 -4.26 -2.11 -19.83
N PHE A 156 -4.81 -0.91 -19.70
CA PHE A 156 -6.05 -0.52 -20.37
C PHE A 156 -5.80 0.66 -21.29
N GLY A 157 -6.48 0.65 -22.45
CA GLY A 157 -6.39 1.74 -23.40
C GLY A 157 -5.01 1.96 -23.98
N CYS A 158 -4.38 0.87 -24.43
CA CYS A 158 -3.04 0.93 -25.01
C CYS A 158 -3.11 0.82 -26.53
N LYS A 159 -2.31 1.62 -27.21
CA LYS A 159 -2.19 1.59 -28.65
C LYS A 159 -0.96 0.79 -29.04
N PHE A 160 -1.17 -0.29 -29.79
CA PHE A 160 -0.08 -1.14 -30.25
C PHE A 160 0.38 -0.73 -31.64
N GLN A 161 1.70 -0.64 -31.82
CA GLN A 161 2.32 -0.54 -33.13
C GLN A 161 3.35 -1.64 -33.25
N PHE A 162 3.66 -2.02 -34.49
CA PHE A 162 4.41 -3.23 -34.75
C PHE A 162 5.59 -2.94 -35.68
N LYS A 163 6.46 -3.94 -35.81
CA LYS A 163 7.70 -3.89 -36.58
C LYS A 163 8.58 -2.72 -36.13
N PRO A 164 9.12 -2.73 -34.90
CA PRO A 164 8.89 -3.72 -33.84
C PRO A 164 7.69 -3.35 -32.97
N ILE A 165 7.35 -4.19 -32.00
CA ILE A 165 6.18 -3.93 -31.17
C ILE A 165 6.46 -2.79 -30.21
N ARG A 166 5.71 -1.70 -30.34
CA ARG A 166 5.73 -0.59 -29.41
C ARG A 166 4.32 -0.35 -28.89
N VAL A 167 4.21 -0.06 -27.60
CA VAL A 167 2.92 0.14 -26.94
C VAL A 167 2.90 1.53 -26.33
N SER A 168 1.78 2.22 -26.47
CA SER A 168 1.63 3.55 -25.92
C SER A 168 1.41 3.48 -24.41
N GLU A 169 1.37 4.65 -23.78
CA GLU A 169 1.18 4.70 -22.33
C GLU A 169 -0.25 4.32 -21.97
N PRO A 170 -0.47 3.43 -21.01
CA PRO A 170 -1.83 2.99 -20.70
C PRO A 170 -2.65 4.06 -20.00
N VAL A 171 -3.96 4.02 -20.26
CA VAL A 171 -4.89 4.84 -19.48
C VAL A 171 -4.83 4.44 -18.01
N LEU A 172 -4.77 3.15 -17.74
CA LEU A 172 -4.65 2.61 -16.39
C LEU A 172 -3.82 1.34 -16.43
N SER A 173 -2.92 1.19 -15.46
CA SER A 173 -2.12 -0.01 -15.31
C SER A 173 -2.54 -0.71 -14.02
N LEU A 174 -3.02 -1.95 -14.15
CA LEU A 174 -3.49 -2.72 -13.00
C LEU A 174 -2.54 -3.86 -12.73
N PRO A 175 -1.82 -3.86 -11.61
CA PRO A 175 -0.97 -5.02 -11.29
C PRO A 175 -1.79 -6.24 -10.95
N VAL A 176 -1.43 -7.38 -11.54
CA VAL A 176 -2.10 -8.64 -11.29
C VAL A 176 -1.06 -9.57 -10.64
N ARG A 177 -1.11 -9.67 -9.31
CA ARG A 177 -0.18 -10.52 -8.60
C ARG A 177 -0.59 -11.98 -8.73
N ARG A 178 0.38 -12.87 -8.53
CA ARG A 178 0.13 -14.30 -8.58
C ARG A 178 -0.91 -14.71 -7.56
N GLY A 179 -1.95 -15.40 -8.01
CA GLY A 179 -3.02 -15.85 -7.15
C GLY A 179 -4.19 -14.91 -7.01
N SER A 180 -4.16 -13.74 -7.64
CA SER A 180 -5.22 -12.77 -7.54
C SER A 180 -6.27 -13.01 -8.61
N VAL A 181 -7.50 -12.59 -8.33
CA VAL A 181 -8.63 -12.71 -9.24
C VAL A 181 -9.02 -11.31 -9.70
N THR A 182 -9.15 -11.13 -11.02
CA THR A 182 -9.54 -9.86 -11.61
C THR A 182 -10.90 -10.02 -12.26
N VAL A 183 -11.83 -9.13 -11.92
CA VAL A 183 -13.19 -9.14 -12.45
C VAL A 183 -13.41 -7.82 -13.19
N LEU A 184 -13.82 -7.91 -14.45
CA LEU A 184 -14.05 -6.74 -15.28
C LEU A 184 -15.55 -6.61 -15.57
N SER A 185 -16.08 -5.41 -15.38
CA SER A 185 -17.50 -5.15 -15.65
C SER A 185 -17.66 -3.71 -16.11
N GLY A 186 -18.83 -3.44 -16.70
CA GLY A 186 -19.20 -2.08 -17.05
C GLY A 186 -18.21 -1.45 -18.01
N TYR A 187 -17.68 -0.29 -17.61
CA TYR A 187 -16.79 0.48 -18.48
C TYR A 187 -15.50 -0.28 -18.74
N ALA A 188 -14.91 -0.88 -17.70
CA ALA A 188 -13.60 -1.53 -17.85
C ALA A 188 -13.66 -2.74 -18.77
N ALA A 189 -14.85 -3.27 -19.04
CA ALA A 189 -14.99 -4.45 -19.88
C ALA A 189 -15.60 -4.16 -21.25
N ASP A 190 -16.27 -3.03 -21.42
CA ASP A 190 -17.00 -2.76 -22.65
C ASP A 190 -16.48 -1.56 -23.43
N GLU A 191 -16.03 -0.50 -22.77
CA GLU A 191 -15.72 0.75 -23.45
C GLU A 191 -14.23 1.06 -23.48
N ILE A 192 -13.37 0.08 -23.19
CA ILE A 192 -11.92 0.29 -23.25
C ILE A 192 -11.26 -1.06 -23.43
N THR A 193 -10.16 -1.08 -24.18
CA THR A 193 -9.42 -2.30 -24.40
C THR A 193 -8.51 -2.58 -23.21
N HIS A 194 -8.17 -3.86 -23.05
CA HIS A 194 -7.14 -4.29 -22.12
C HIS A 194 -6.09 -5.08 -22.88
N CYS A 195 -4.88 -5.14 -22.33
CA CYS A 195 -3.77 -5.78 -23.02
C CYS A 195 -2.73 -6.20 -21.99
N ILE A 196 -1.67 -6.81 -22.50
CA ILE A 196 -0.48 -7.15 -21.72
C ILE A 196 0.73 -6.68 -22.51
N ARG A 197 1.55 -5.86 -21.91
CA ARG A 197 2.72 -5.39 -22.63
C ARG A 197 3.88 -6.37 -22.46
N PRO A 198 4.76 -6.45 -23.46
CA PRO A 198 5.90 -7.38 -23.34
C PRO A 198 6.80 -7.09 -22.15
N GLN A 199 6.91 -5.82 -21.74
CA GLN A 199 7.76 -5.49 -20.59
C GLN A 199 7.13 -5.89 -19.26
N ASP A 200 5.86 -6.30 -19.26
CA ASP A 200 5.20 -6.76 -18.04
C ASP A 200 5.30 -8.26 -17.82
N ILE A 201 5.87 -8.99 -18.78
CA ILE A 201 6.06 -10.43 -18.63
C ILE A 201 7.56 -10.71 -18.52
N LYS A 202 8.09 -10.60 -17.29
CA LYS A 202 9.51 -10.86 -17.06
C LYS A 202 9.79 -12.33 -16.88
N GLU A 203 8.86 -13.08 -16.30
CA GLU A 203 8.98 -14.52 -16.13
C GLU A 203 7.75 -15.18 -16.75
N ARG A 204 7.75 -16.52 -16.75
CA ARG A 204 6.60 -17.24 -17.27
C ARG A 204 5.34 -16.90 -16.47
N ARG A 205 4.27 -16.57 -17.17
CA ARG A 205 3.01 -16.22 -16.55
C ARG A 205 1.87 -16.94 -17.25
N ALA A 206 1.00 -17.57 -16.46
CA ALA A 206 -0.23 -18.17 -16.96
C ALA A 206 -1.42 -17.53 -16.28
N VAL A 207 -2.51 -17.39 -17.03
CA VAL A 207 -3.75 -16.81 -16.51
C VAL A 207 -4.93 -17.62 -17.02
N ILE A 208 -5.85 -17.96 -16.12
CA ILE A 208 -7.06 -18.70 -16.47
C ILE A 208 -8.21 -17.70 -16.51
N ILE A 209 -8.84 -17.57 -17.68
CA ILE A 209 -9.93 -16.64 -17.88
C ILE A 209 -11.23 -17.42 -17.93
N LEU A 210 -12.18 -17.05 -17.09
CA LEU A 210 -13.43 -17.78 -16.91
C LEU A 210 -14.59 -16.87 -17.28
N ARG A 211 -15.32 -17.24 -18.33
CA ARG A 211 -16.38 -16.40 -18.88
C ARG A 211 -17.62 -17.25 -19.14
N LYS A 212 -18.73 -16.56 -19.43
CA LYS A 212 -19.95 -17.19 -19.90
C LYS A 212 -20.23 -16.70 -21.32
N THR A 213 -20.43 -17.63 -22.24
CA THR A 213 -20.78 -17.28 -23.60
C THR A 213 -22.26 -16.94 -23.69
N ARG A 214 -22.59 -16.08 -24.64
CA ARG A 214 -23.99 -15.70 -24.85
C ARG A 214 -24.76 -16.86 -25.47
N LEU A 215 -26.07 -16.89 -25.22
CA LEU A 215 -26.91 -17.91 -25.83
C LEU A 215 -26.92 -17.79 -27.34
N ASP A 216 -26.88 -16.56 -27.86
CA ASP A 216 -26.90 -16.31 -29.29
C ASP A 216 -25.50 -16.10 -29.87
N ALA A 217 -24.47 -16.61 -29.21
CA ALA A 217 -23.12 -16.45 -29.70
C ALA A 217 -22.93 -17.23 -30.99
N PRO A 218 -22.50 -16.60 -32.07
CA PRO A 218 -22.38 -17.31 -33.35
C PRO A 218 -21.24 -18.31 -33.34
N ARG A 219 -21.46 -19.43 -34.03
CA ARG A 219 -20.49 -20.52 -34.11
C ARG A 219 -20.05 -20.72 -35.55
N LEU A 220 -18.90 -21.39 -35.70
CA LEU A 220 -18.40 -21.76 -37.02
C LEU A 220 -19.20 -22.95 -37.56
N GLN C 3 0.31 -5.52 25.25
CA GLN C 3 1.31 -4.80 26.01
C GLN C 3 0.84 -4.55 27.44
N LEU C 4 -0.40 -4.96 27.73
CA LEU C 4 -1.02 -4.77 29.03
C LEU C 4 -1.55 -6.11 29.53
N GLN C 5 -1.68 -6.22 30.85
CA GLN C 5 -2.31 -7.38 31.43
C GLN C 5 -3.80 -7.39 31.08
N LYS C 6 -4.36 -8.60 30.96
CA LYS C 6 -5.70 -8.75 30.39
C LYS C 6 -6.73 -7.97 31.19
N GLU C 7 -6.70 -8.05 32.52
CA GLU C 7 -7.69 -7.36 33.33
C GLU C 7 -7.54 -5.85 33.20
N GLU C 8 -6.31 -5.35 33.14
CA GLU C 8 -6.08 -3.92 32.94
C GLU C 8 -6.52 -3.50 31.54
N GLU C 9 -6.21 -4.31 30.53
CA GLU C 9 -6.62 -3.98 29.16
C GLU C 9 -8.13 -3.99 29.03
N ALA C 10 -8.81 -4.90 29.73
CA ALA C 10 -10.26 -4.96 29.68
C ALA C 10 -10.88 -3.67 30.22
N ARG C 11 -10.29 -3.10 31.27
CA ARG C 11 -10.81 -1.86 31.83
C ARG C 11 -10.68 -0.71 30.84
N LYS C 12 -9.54 -0.62 30.15
CA LYS C 12 -9.37 0.44 29.16
C LYS C 12 -10.31 0.26 27.98
N VAL C 13 -10.64 -0.99 27.62
CA VAL C 13 -11.59 -1.23 26.54
C VAL C 13 -12.99 -0.80 26.97
N LYS C 14 -13.37 -1.11 28.21
CA LYS C 14 -14.69 -0.73 28.70
C LYS C 14 -14.86 0.79 28.73
N SER C 15 -13.79 1.53 29.01
CA SER C 15 -13.89 2.98 29.15
C SER C 15 -14.28 3.65 27.84
N GLY C 16 -13.96 3.03 26.70
CA GLY C 16 -14.29 3.59 25.40
C GLY C 16 -15.54 3.06 24.77
N ILE C 17 -16.34 2.27 25.50
CA ILE C 17 -17.54 1.64 24.95
C ILE C 17 -18.76 2.31 25.54
N ARG C 18 -19.67 2.74 24.66
CA ARG C 18 -20.96 3.29 25.04
C ARG C 18 -22.04 2.42 24.40
N GLN C 19 -23.01 1.98 25.20
CA GLN C 19 -24.03 1.07 24.68
C GLN C 19 -25.34 1.31 25.41
N MET C 20 -26.44 1.16 24.67
CA MET C 20 -27.79 1.33 25.21
C MET C 20 -28.79 0.78 24.20
N ARG C 21 -29.96 0.42 24.71
CA ARG C 21 -31.09 0.10 23.85
C ARG C 21 -31.71 1.38 23.33
N LEU C 22 -32.00 1.43 22.04
CA LEU C 22 -32.53 2.65 21.45
C LEU C 22 -33.77 2.38 20.60
N PHE C 23 -33.69 1.42 19.70
CA PHE C 23 -34.77 1.16 18.75
C PHE C 23 -35.74 0.15 19.32
N SER C 24 -37.03 0.48 19.28
CA SER C 24 -38.06 -0.41 19.79
C SER C 24 -38.15 -1.66 18.92
N GLN C 25 -39.04 -2.56 19.31
CA GLN C 25 -39.21 -3.81 18.57
C GLN C 25 -39.72 -3.54 17.16
N ASP C 26 -40.71 -2.66 17.02
CA ASP C 26 -41.26 -2.35 15.71
C ASP C 26 -40.35 -1.43 14.90
N GLU C 27 -39.60 -0.55 15.56
CA GLU C 27 -38.63 0.28 14.84
C GLU C 27 -37.58 -0.57 14.16
N CYS C 28 -37.22 -1.71 14.75
CA CYS C 28 -36.30 -2.63 14.09
C CYS C 28 -36.97 -3.35 12.92
N ALA C 29 -38.27 -3.62 13.03
CA ALA C 29 -38.97 -4.32 11.95
C ALA C 29 -39.01 -3.48 10.68
N LYS C 30 -39.28 -2.18 10.82
CA LYS C 30 -39.29 -1.30 9.66
C LYS C 30 -37.91 -1.19 9.03
N ILE C 31 -36.87 -1.07 9.86
CA ILE C 31 -35.51 -0.98 9.35
C ILE C 31 -35.10 -2.29 8.68
N GLU C 32 -35.41 -3.42 9.31
CA GLU C 32 -35.06 -4.72 8.73
C GLU C 32 -35.74 -4.94 7.39
N ALA C 33 -36.96 -4.41 7.22
CA ALA C 33 -37.63 -4.49 5.92
C ALA C 33 -36.88 -3.66 4.88
N ARG C 34 -36.28 -2.54 5.30
CA ARG C 34 -35.47 -1.74 4.39
C ARG C 34 -34.17 -2.45 4.04
N ILE C 35 -33.56 -3.12 5.02
CA ILE C 35 -32.33 -3.87 4.76
C ILE C 35 -32.59 -4.97 3.74
N ASP C 36 -33.75 -5.63 3.83
CA ASP C 36 -34.09 -6.65 2.85
C ASP C 36 -34.29 -6.06 1.46
N GLU C 37 -34.75 -4.81 1.38
CA GLU C 37 -34.86 -4.16 0.07
C GLU C 37 -33.48 -3.89 -0.53
N VAL C 38 -32.50 -3.54 0.32
CA VAL C 38 -31.13 -3.37 -0.14
C VAL C 38 -30.60 -4.68 -0.71
N VAL C 39 -30.89 -5.79 -0.03
CA VAL C 39 -30.42 -7.10 -0.50
C VAL C 39 -31.07 -7.45 -1.83
N SER C 40 -32.38 -7.24 -1.95
CA SER C 40 -33.06 -7.53 -3.21
C SER C 40 -32.54 -6.64 -4.34
N ARG C 41 -32.30 -5.36 -4.03
CA ARG C 41 -31.80 -4.44 -5.05
C ARG C 41 -30.41 -4.84 -5.50
N ALA C 42 -29.56 -5.28 -4.57
CA ALA C 42 -28.23 -5.77 -4.95
C ALA C 42 -28.33 -7.06 -5.76
N GLU C 43 -29.25 -7.95 -5.38
CA GLU C 43 -29.47 -9.16 -6.16
C GLU C 43 -29.97 -8.82 -7.56
N LYS C 44 -30.74 -7.75 -7.69
CA LYS C 44 -31.19 -7.29 -9.00
C LYS C 44 -30.08 -6.59 -9.79
N GLY C 45 -28.93 -6.35 -9.17
CA GLY C 45 -27.86 -5.62 -9.85
C GLY C 45 -28.19 -4.18 -10.12
N LEU C 46 -29.00 -3.55 -9.27
CA LEU C 46 -29.41 -2.17 -9.45
C LEU C 46 -28.53 -1.19 -8.70
N TYR C 47 -27.38 -1.63 -8.20
CA TYR C 47 -26.41 -0.78 -7.52
C TYR C 47 -25.14 -0.68 -8.34
N ASN C 48 -24.30 0.29 -7.97
CA ASN C 48 -22.96 0.35 -8.52
C ASN C 48 -22.18 -0.88 -8.08
N GLU C 49 -21.19 -1.27 -8.89
CA GLU C 49 -20.45 -2.51 -8.65
C GLU C 49 -19.82 -2.51 -7.26
N HIS C 50 -19.14 -1.41 -6.91
CA HIS C 50 -18.39 -1.36 -5.65
C HIS C 50 -19.26 -1.09 -4.44
N THR C 51 -20.55 -0.81 -4.63
CA THR C 51 -21.46 -0.73 -3.48
C THR C 51 -21.60 -2.08 -2.79
N VAL C 52 -21.54 -3.16 -3.56
CA VAL C 52 -21.77 -4.51 -3.05
C VAL C 52 -20.43 -5.23 -2.95
N ASP C 53 -20.14 -5.75 -1.76
CA ASP C 53 -18.94 -6.55 -1.51
C ASP C 53 -19.39 -7.88 -0.91
N ARG C 54 -19.31 -8.94 -1.70
CA ARG C 54 -19.84 -10.24 -1.31
C ARG C 54 -18.75 -11.16 -0.81
N ALA C 55 -19.12 -12.04 0.11
CA ALA C 55 -18.25 -13.04 0.72
C ALA C 55 -19.11 -14.22 1.13
N PRO C 56 -18.50 -15.38 1.39
CA PRO C 56 -19.31 -16.60 1.64
C PRO C 56 -20.45 -16.44 2.64
N LEU C 57 -20.18 -15.89 3.82
CA LEU C 57 -21.21 -15.76 4.85
C LEU C 57 -21.47 -14.32 5.26
N ARG C 58 -20.87 -13.35 4.59
CA ARG C 58 -21.08 -11.94 4.93
C ARG C 58 -21.09 -11.10 3.66
N ASN C 59 -22.04 -10.18 3.58
CA ASN C 59 -22.09 -9.18 2.52
C ASN C 59 -21.96 -7.80 3.13
N LYS C 60 -21.22 -6.92 2.47
CA LYS C 60 -21.08 -5.53 2.85
C LYS C 60 -21.72 -4.64 1.80
N TYR C 61 -22.47 -3.64 2.26
CA TYR C 61 -23.14 -2.68 1.38
C TYR C 61 -22.65 -1.29 1.74
N PHE C 62 -21.86 -0.69 0.86
CA PHE C 62 -21.22 0.60 1.12
C PHE C 62 -22.09 1.73 0.56
N PHE C 63 -22.54 2.61 1.45
CA PHE C 63 -23.28 3.80 1.06
C PHE C 63 -22.55 5.03 1.56
N GLY C 64 -22.65 6.11 0.79
CA GLY C 64 -21.90 7.33 1.10
C GLY C 64 -20.43 7.19 0.76
N GLU C 65 -19.73 6.31 1.47
CA GLU C 65 -18.34 6.02 1.19
C GLU C 65 -18.07 4.54 1.46
N GLY C 66 -17.26 3.92 0.60
CA GLY C 66 -16.83 2.56 0.78
C GLY C 66 -15.31 2.48 0.91
N TYR C 67 -14.83 1.29 1.24
CA TYR C 67 -13.41 1.09 1.46
C TYR C 67 -12.97 -0.28 0.94
N THR C 68 -11.67 -0.39 0.70
CA THR C 68 -11.03 -1.65 0.35
C THR C 68 -10.34 -2.22 1.57
N TYR C 69 -10.31 -3.55 1.66
CA TYR C 69 -9.77 -4.21 2.84
C TYR C 69 -9.35 -5.62 2.48
N GLY C 70 -8.48 -6.18 3.34
CA GLY C 70 -8.14 -7.58 3.24
C GLY C 70 -7.46 -7.92 1.93
N ALA C 71 -8.00 -8.95 1.25
CA ALA C 71 -7.40 -9.43 0.02
C ALA C 71 -7.45 -8.41 -1.11
N GLN C 72 -8.33 -7.41 -1.01
CA GLN C 72 -8.42 -6.38 -2.03
C GLN C 72 -7.21 -5.47 -2.07
N LEU C 73 -6.32 -5.56 -1.09
CA LEU C 73 -5.12 -4.75 -1.05
C LEU C 73 -3.98 -5.47 -1.75
N GLN C 74 -3.34 -4.79 -2.70
CA GLN C 74 -2.19 -5.38 -3.39
C GLN C 74 -1.06 -5.66 -2.42
N LYS C 75 -0.81 -4.74 -1.50
CA LYS C 75 0.19 -4.92 -0.44
C LYS C 75 -0.52 -4.67 0.88
N ARG C 76 -0.94 -5.73 1.56
CA ARG C 76 -1.68 -5.58 2.81
C ARG C 76 -0.75 -5.10 3.92
N GLY C 77 -1.28 -4.19 4.75
CA GLY C 77 -0.50 -3.60 5.81
C GLY C 77 -1.18 -2.39 6.40
N PRO C 78 -0.60 -1.83 7.47
CA PRO C 78 -1.22 -0.67 8.12
C PRO C 78 -1.20 0.55 7.20
N GLY C 79 -2.35 1.20 7.10
CA GLY C 79 -2.48 2.40 6.29
C GLY C 79 -2.70 2.18 4.81
N GLN C 80 -2.98 0.94 4.40
CA GLN C 80 -3.12 0.61 2.98
C GLN C 80 -4.56 0.58 2.50
N GLU C 81 -5.54 0.66 3.40
CA GLU C 81 -6.93 0.73 2.98
C GLU C 81 -7.19 2.04 2.26
N ARG C 82 -8.09 1.99 1.28
CA ARG C 82 -8.41 3.13 0.44
C ARG C 82 -9.92 3.30 0.31
N LEU C 83 -10.34 4.54 0.13
CA LEU C 83 -11.71 4.80 -0.30
C LEU C 83 -11.83 4.58 -1.81
N TYR C 84 -13.05 4.36 -2.25
CA TYR C 84 -13.30 4.26 -3.69
C TYR C 84 -13.33 5.65 -4.30
N PRO C 85 -13.13 5.75 -5.61
CA PRO C 85 -13.07 7.07 -6.28
C PRO C 85 -14.31 7.89 -5.98
N PRO C 86 -14.23 9.22 -6.13
CA PRO C 86 -15.36 10.08 -5.74
C PRO C 86 -16.64 9.70 -6.46
N GLY C 87 -17.69 9.46 -5.67
CA GLY C 87 -18.99 9.15 -6.21
C GLY C 87 -19.15 7.75 -6.76
N ASP C 88 -18.19 6.86 -6.51
CA ASP C 88 -18.29 5.50 -7.05
C ASP C 88 -19.42 4.72 -6.38
N VAL C 89 -19.38 4.63 -5.05
CA VAL C 89 -20.40 3.92 -4.28
C VAL C 89 -21.69 4.73 -4.30
N ASP C 90 -22.80 4.11 -3.94
CA ASP C 90 -24.10 4.77 -4.00
C ASP C 90 -24.30 5.70 -2.79
N GLU C 91 -25.25 6.61 -2.94
CA GLU C 91 -25.58 7.53 -1.86
C GLU C 91 -26.21 6.78 -0.69
N ILE C 92 -26.16 7.41 0.47
CA ILE C 92 -26.83 6.86 1.65
C ILE C 92 -28.34 6.86 1.40
N PRO C 93 -29.03 5.74 1.58
CA PRO C 93 -30.47 5.70 1.31
C PRO C 93 -31.23 6.67 2.21
N GLU C 94 -32.37 7.14 1.70
CA GLU C 94 -33.17 8.11 2.45
C GLU C 94 -33.69 7.51 3.75
N TRP C 95 -34.05 6.22 3.73
CA TRP C 95 -34.54 5.59 4.95
C TRP C 95 -33.46 5.50 6.02
N VAL C 96 -32.19 5.42 5.61
CA VAL C 96 -31.11 5.42 6.59
C VAL C 96 -31.04 6.76 7.32
N HIS C 97 -31.28 7.85 6.60
CA HIS C 97 -31.28 9.17 7.24
C HIS C 97 -32.47 9.32 8.18
N GLN C 98 -33.66 8.90 7.73
CA GLN C 98 -34.87 9.17 8.50
C GLN C 98 -35.06 8.21 9.65
N LEU C 99 -34.69 6.94 9.48
CA LEU C 99 -34.97 5.93 10.48
C LEU C 99 -33.80 5.66 11.43
N VAL C 100 -32.57 5.91 11.01
CA VAL C 100 -31.38 5.56 11.77
C VAL C 100 -30.62 6.79 12.24
N ILE C 101 -30.08 7.58 11.30
CA ILE C 101 -29.23 8.71 11.67
C ILE C 101 -30.03 9.77 12.43
N GLN C 102 -31.25 10.07 11.97
CA GLN C 102 -32.06 11.08 12.63
C GLN C 102 -32.35 10.70 14.07
N LYS C 103 -32.60 9.42 14.33
CA LYS C 103 -32.80 8.95 15.70
C LYS C 103 -31.55 9.15 16.54
N LEU C 104 -30.38 8.88 15.96
CA LEU C 104 -29.13 9.01 16.70
C LEU C 104 -28.82 10.47 17.00
N VAL C 105 -29.07 11.37 16.04
CA VAL C 105 -28.82 12.80 16.26
C VAL C 105 -29.78 13.35 17.31
N GLU C 106 -31.06 12.96 17.24
CA GLU C 106 -32.03 13.43 18.21
C GLU C 106 -31.73 12.91 19.62
N HIS C 107 -31.01 11.79 19.74
CA HIS C 107 -30.63 11.25 21.02
C HIS C 107 -29.17 11.56 21.39
N ARG C 108 -28.57 12.53 20.69
CA ARG C 108 -27.26 13.07 21.03
C ARG C 108 -26.15 12.04 20.96
N VAL C 109 -26.35 10.96 20.21
CA VAL C 109 -25.28 9.97 20.05
C VAL C 109 -24.15 10.55 19.22
N ILE C 110 -24.48 11.25 18.12
CA ILE C 110 -23.49 11.92 17.30
C ILE C 110 -24.08 13.23 16.80
N PRO C 111 -23.26 14.24 16.49
CA PRO C 111 -23.83 15.51 16.01
C PRO C 111 -24.45 15.36 14.63
N GLU C 112 -25.25 16.36 14.26
CA GLU C 112 -25.86 16.38 12.93
C GLU C 112 -24.77 16.59 11.87
N GLY C 113 -24.97 15.96 10.70
CA GLY C 113 -24.00 16.08 9.64
C GLY C 113 -22.69 15.37 9.88
N PHE C 114 -22.61 14.55 10.92
CA PHE C 114 -21.38 13.82 11.21
C PHE C 114 -21.22 12.60 10.31
N VAL C 115 -22.31 11.87 10.08
CA VAL C 115 -22.25 10.62 9.32
C VAL C 115 -22.22 10.95 7.83
N ASN C 116 -21.15 10.52 7.15
CA ASN C 116 -21.10 10.53 5.70
C ASN C 116 -20.87 9.15 5.12
N SER C 117 -20.80 8.11 5.97
CA SER C 117 -20.60 6.74 5.52
C SER C 117 -21.48 5.82 6.35
N ALA C 118 -22.33 5.05 5.69
CA ALA C 118 -23.22 4.09 6.33
C ALA C 118 -23.05 2.74 5.66
N VAL C 119 -22.42 1.80 6.37
CA VAL C 119 -22.06 0.50 5.83
C VAL C 119 -22.95 -0.55 6.49
N ILE C 120 -23.65 -1.34 5.68
CA ILE C 120 -24.51 -2.42 6.16
C ILE C 120 -23.77 -3.74 5.99
N ASN C 121 -23.55 -4.44 7.10
CA ASN C 121 -23.02 -5.80 7.07
C ASN C 121 -24.16 -6.77 7.31
N ASP C 122 -24.28 -7.76 6.43
CA ASP C 122 -25.32 -8.78 6.53
C ASP C 122 -24.66 -10.14 6.71
N TYR C 123 -24.85 -10.73 7.89
CA TYR C 123 -24.18 -11.97 8.27
C TYR C 123 -25.16 -13.14 8.18
N GLN C 124 -24.76 -14.17 7.45
CA GLN C 124 -25.47 -15.44 7.49
C GLN C 124 -25.09 -16.19 8.76
N PRO C 125 -25.87 -17.20 9.14
CA PRO C 125 -25.49 -18.03 10.29
C PRO C 125 -24.08 -18.59 10.13
N GLY C 126 -23.31 -18.54 11.21
CA GLY C 126 -21.93 -18.94 11.19
C GLY C 126 -20.98 -17.92 10.60
N GLY C 127 -21.47 -16.74 10.23
CA GLY C 127 -20.62 -15.70 9.69
C GLY C 127 -19.71 -15.09 10.75
N CYS C 128 -18.78 -14.27 10.28
CA CYS C 128 -17.78 -13.68 11.17
C CYS C 128 -17.11 -12.52 10.44
N ILE C 129 -16.20 -11.85 11.15
CA ILE C 129 -15.31 -10.86 10.55
C ILE C 129 -14.01 -10.86 11.35
N VAL C 130 -12.89 -11.02 10.66
CA VAL C 130 -11.59 -11.19 11.32
C VAL C 130 -11.22 -9.89 12.04
N SER C 131 -10.52 -10.05 13.17
CA SER C 131 -10.13 -8.93 14.02
C SER C 131 -9.45 -7.84 13.20
N HIS C 132 -9.80 -6.60 13.51
CA HIS C 132 -9.28 -5.45 12.77
C HIS C 132 -9.48 -4.20 13.59
N VAL C 133 -8.75 -3.16 13.22
CA VAL C 133 -8.97 -1.81 13.72
C VAL C 133 -9.48 -0.98 12.56
N ASP C 134 -10.62 -0.32 12.75
CA ASP C 134 -11.15 0.57 11.72
C ASP C 134 -10.05 1.56 11.32
N PRO C 135 -9.58 1.53 10.05
CA PRO C 135 -8.37 2.27 9.69
C PRO C 135 -8.38 3.73 10.11
N ILE C 136 -7.43 4.10 10.97
CA ILE C 136 -7.42 5.44 11.56
C ILE C 136 -7.12 6.51 10.53
N HIS C 137 -6.54 6.14 9.38
CA HIS C 137 -6.32 7.08 8.30
C HIS C 137 -7.55 7.23 7.40
N ILE C 138 -8.57 6.43 7.60
CA ILE C 138 -9.81 6.51 6.83
C ILE C 138 -10.93 7.14 7.64
N PHE C 139 -11.18 6.63 8.85
CA PHE C 139 -12.36 6.99 9.63
C PHE C 139 -11.96 7.83 10.84
N GLU C 140 -12.80 8.82 11.14
CA GLU C 140 -12.70 9.56 12.39
C GLU C 140 -13.44 8.80 13.50
N ARG C 141 -13.27 9.27 14.72
CA ARG C 141 -13.93 8.67 15.87
C ARG C 141 -15.05 9.56 16.36
N PRO C 142 -16.12 9.00 16.96
CA PRO C 142 -16.33 7.58 17.30
C PRO C 142 -16.90 6.75 16.15
N ILE C 143 -17.06 5.46 16.40
CA ILE C 143 -17.65 4.52 15.46
C ILE C 143 -18.98 4.06 16.03
N VAL C 144 -20.06 4.26 15.27
CA VAL C 144 -21.42 3.98 15.72
C VAL C 144 -21.96 2.81 14.90
N SER C 145 -22.57 1.84 15.58
CA SER C 145 -23.12 0.67 14.94
C SER C 145 -24.44 0.28 15.62
N VAL C 146 -25.41 -0.17 14.82
CA VAL C 146 -26.71 -0.60 15.32
C VAL C 146 -26.99 -1.99 14.78
N SER C 147 -27.37 -2.91 15.66
CA SER C 147 -27.59 -4.30 15.32
C SER C 147 -29.06 -4.56 15.01
N PHE C 148 -29.31 -5.57 14.17
CA PHE C 148 -30.66 -5.90 13.77
C PHE C 148 -30.78 -7.40 13.54
N PHE C 149 -32.04 -7.85 13.42
CA PHE C 149 -32.42 -9.23 13.10
C PHE C 149 -32.19 -10.19 14.27
N SER C 150 -31.04 -10.13 14.93
CA SER C 150 -30.77 -11.06 16.02
C SER C 150 -29.71 -10.48 16.94
N ASP C 151 -29.51 -11.16 18.07
CA ASP C 151 -28.50 -10.79 19.04
C ASP C 151 -27.19 -11.50 18.73
N SER C 152 -26.08 -10.85 19.09
CA SER C 152 -24.76 -11.41 18.89
C SER C 152 -23.81 -10.78 19.90
N ALA C 153 -22.50 -10.90 19.64
CA ALA C 153 -21.49 -10.39 20.55
C ALA C 153 -20.31 -9.84 19.78
N LEU C 154 -19.81 -8.68 20.22
CA LEU C 154 -18.61 -8.08 19.69
C LEU C 154 -17.45 -8.39 20.63
N CYS C 155 -16.33 -8.85 20.07
CA CYS C 155 -15.19 -9.29 20.85
C CYS C 155 -13.97 -8.45 20.51
N PHE C 156 -13.12 -8.23 21.51
CA PHE C 156 -11.94 -7.38 21.39
C PHE C 156 -10.68 -8.17 21.72
N GLY C 157 -9.63 -7.95 20.93
CA GLY C 157 -8.35 -8.56 21.19
C GLY C 157 -8.21 -10.00 20.77
N CYS C 158 -9.05 -10.48 19.86
CA CYS C 158 -8.99 -11.86 19.43
C CYS C 158 -7.91 -12.06 18.37
N LYS C 159 -7.32 -13.26 18.37
CA LYS C 159 -6.38 -13.69 17.36
C LYS C 159 -7.03 -14.79 16.53
N PHE C 160 -6.97 -14.64 15.21
CA PHE C 160 -7.62 -15.58 14.29
C PHE C 160 -6.58 -16.49 13.65
N GLN C 161 -6.80 -17.79 13.74
CA GLN C 161 -6.09 -18.78 12.95
C GLN C 161 -7.06 -19.44 11.98
N PHE C 162 -6.53 -19.99 10.90
CA PHE C 162 -7.36 -20.44 9.80
C PHE C 162 -6.99 -21.86 9.39
N LYS C 163 -7.83 -22.44 8.54
CA LYS C 163 -7.70 -23.82 8.09
C LYS C 163 -7.67 -24.79 9.28
N PRO C 164 -8.76 -24.88 10.06
CA PRO C 164 -10.01 -24.11 10.03
C PRO C 164 -9.94 -22.87 10.91
N ILE C 165 -11.04 -22.13 11.00
CA ILE C 165 -11.06 -20.88 11.76
C ILE C 165 -11.07 -21.20 13.25
N ARG C 166 -10.04 -20.78 13.97
CA ARG C 166 -9.98 -20.83 15.42
C ARG C 166 -9.72 -19.43 15.96
N VAL C 167 -10.47 -19.06 16.99
CA VAL C 167 -10.38 -17.74 17.61
C VAL C 167 -9.82 -17.90 19.01
N SER C 168 -8.86 -17.04 19.35
CA SER C 168 -8.27 -17.07 20.69
C SER C 168 -9.23 -16.43 21.70
N GLU C 169 -8.84 -16.49 22.96
CA GLU C 169 -9.70 -15.98 24.03
C GLU C 169 -9.78 -14.46 23.95
N PRO C 170 -10.98 -13.89 23.89
CA PRO C 170 -11.10 -12.43 23.77
C PRO C 170 -10.73 -11.72 25.05
N VAL C 171 -10.16 -10.53 24.90
CA VAL C 171 -9.90 -9.67 26.05
C VAL C 171 -11.21 -9.23 26.68
N LEU C 172 -12.21 -8.92 25.85
CA LEU C 172 -13.53 -8.52 26.32
C LEU C 172 -14.57 -9.01 25.33
N SER C 173 -15.70 -9.49 25.86
CA SER C 173 -16.84 -9.89 25.05
C SER C 173 -17.99 -8.94 25.33
N LEU C 174 -18.49 -8.29 24.29
CA LEU C 174 -19.56 -7.30 24.44
C LEU C 174 -20.82 -7.81 23.76
N PRO C 175 -21.88 -8.14 24.51
CA PRO C 175 -23.14 -8.55 23.87
C PRO C 175 -23.80 -7.37 23.18
N VAL C 176 -24.17 -7.57 21.91
CA VAL C 176 -24.87 -6.56 21.13
C VAL C 176 -26.26 -7.10 20.84
N ARG C 177 -27.28 -6.50 21.45
CA ARG C 177 -28.65 -6.93 21.28
C ARG C 177 -29.30 -6.24 20.09
N ARG C 178 -30.37 -6.85 19.59
CA ARG C 178 -31.09 -6.30 18.45
C ARG C 178 -31.72 -4.97 18.82
N GLY C 179 -31.38 -3.93 18.06
CA GLY C 179 -31.91 -2.61 18.29
C GLY C 179 -31.12 -1.74 19.24
N SER C 180 -29.93 -2.18 19.65
CA SER C 180 -29.08 -1.39 20.53
C SER C 180 -27.96 -0.73 19.73
N VAL C 181 -27.41 0.35 20.30
CA VAL C 181 -26.38 1.15 19.66
C VAL C 181 -25.07 0.96 20.42
N THR C 182 -24.01 0.59 19.71
CA THR C 182 -22.68 0.47 20.27
C THR C 182 -21.80 1.57 19.71
N VAL C 183 -21.18 2.34 20.59
CA VAL C 183 -20.31 3.46 20.20
C VAL C 183 -18.92 3.18 20.74
N LEU C 184 -17.94 3.10 19.84
CA LEU C 184 -16.56 2.84 20.19
C LEU C 184 -15.73 4.11 20.07
N SER C 185 -14.87 4.33 21.06
CA SER C 185 -14.02 5.51 21.07
C SER C 185 -12.80 5.24 21.94
N GLY C 186 -11.81 6.13 21.84
CA GLY C 186 -10.65 6.04 22.69
C GLY C 186 -9.88 4.74 22.50
N TYR C 187 -9.57 4.08 23.61
CA TYR C 187 -8.80 2.85 23.57
C TYR C 187 -9.55 1.75 22.83
N ALA C 188 -10.86 1.64 23.07
CA ALA C 188 -11.65 0.57 22.46
C ALA C 188 -11.69 0.66 20.94
N ALA C 189 -11.43 1.84 20.38
CA ALA C 189 -11.46 2.03 18.93
C ALA C 189 -10.09 2.16 18.29
N ASP C 190 -9.04 2.45 19.06
CA ASP C 190 -7.73 2.75 18.50
C ASP C 190 -6.62 1.79 18.91
N GLU C 191 -6.69 1.20 20.10
CA GLU C 191 -5.57 0.42 20.63
C GLU C 191 -5.82 -1.08 20.64
N ILE C 192 -6.95 -1.55 20.12
CA ILE C 192 -7.28 -2.96 20.16
C ILE C 192 -8.19 -3.29 18.98
N THR C 193 -8.10 -4.53 18.51
CA THR C 193 -8.95 -5.00 17.44
C THR C 193 -10.32 -5.39 17.96
N HIS C 194 -11.30 -5.37 17.07
CA HIS C 194 -12.64 -5.86 17.36
C HIS C 194 -13.07 -6.80 16.24
N CYS C 195 -13.86 -7.81 16.59
CA CYS C 195 -14.23 -8.85 15.64
C CYS C 195 -15.57 -9.45 16.03
N ILE C 196 -16.07 -10.33 15.17
CA ILE C 196 -17.24 -11.15 15.46
C ILE C 196 -16.84 -12.59 15.25
N ARG C 197 -16.98 -13.42 16.28
CA ARG C 197 -16.60 -14.80 16.13
C ARG C 197 -17.70 -15.59 15.42
N PRO C 198 -17.33 -16.63 14.67
CA PRO C 198 -18.36 -17.43 13.99
C PRO C 198 -19.37 -18.06 14.93
N GLN C 199 -18.96 -18.38 16.16
CA GLN C 199 -19.88 -19.02 17.10
C GLN C 199 -20.87 -18.03 17.71
N ASP C 200 -20.70 -16.73 17.47
CA ASP C 200 -21.60 -15.71 18.01
C ASP C 200 -22.68 -15.29 17.03
N ILE C 201 -22.77 -15.93 15.86
CA ILE C 201 -23.82 -15.64 14.90
C ILE C 201 -24.70 -16.88 14.79
N LYS C 202 -25.73 -16.96 15.63
CA LYS C 202 -26.63 -18.11 15.60
C LYS C 202 -27.57 -18.03 14.41
N GLU C 203 -28.34 -16.96 14.32
CA GLU C 203 -29.24 -16.70 13.21
C GLU C 203 -28.69 -15.54 12.38
N ARG C 204 -29.42 -15.19 11.32
CA ARG C 204 -29.00 -14.08 10.47
C ARG C 204 -28.97 -12.78 11.26
N ARG C 205 -27.90 -12.02 11.07
CA ARG C 205 -27.72 -10.77 11.80
C ARG C 205 -27.18 -9.71 10.86
N ALA C 206 -27.79 -8.52 10.89
CA ALA C 206 -27.30 -7.37 10.15
C ALA C 206 -26.90 -6.27 11.11
N VAL C 207 -25.97 -5.43 10.68
CA VAL C 207 -25.53 -4.28 11.47
C VAL C 207 -25.30 -3.11 10.53
N ILE C 208 -25.68 -1.92 10.97
CA ILE C 208 -25.50 -0.69 10.22
C ILE C 208 -24.46 0.15 10.94
N ILE C 209 -23.30 0.33 10.31
CA ILE C 209 -22.18 1.05 10.89
C ILE C 209 -22.14 2.44 10.27
N LEU C 210 -22.19 3.46 11.11
CA LEU C 210 -22.22 4.85 10.66
C LEU C 210 -20.93 5.53 11.11
N ARG C 211 -20.15 6.01 10.14
CA ARG C 211 -18.84 6.57 10.42
C ARG C 211 -18.65 7.87 9.65
N LYS C 212 -17.72 8.69 10.13
CA LYS C 212 -17.28 9.89 9.44
C LYS C 212 -15.89 9.64 8.89
N THR C 213 -15.76 9.68 7.57
CA THR C 213 -14.45 9.55 6.95
C THR C 213 -13.65 10.84 7.14
N ARG C 214 -12.34 10.68 7.30
CA ARG C 214 -11.46 11.84 7.34
C ARG C 214 -11.53 12.59 6.03
N LEU C 215 -11.36 13.91 6.11
CA LEU C 215 -11.36 14.72 4.89
C LEU C 215 -10.15 14.42 4.01
N ASP C 216 -9.03 14.03 4.62
CA ASP C 216 -7.82 13.71 3.88
C ASP C 216 -7.72 12.21 3.56
N ALA C 217 -8.80 11.46 3.71
CA ALA C 217 -8.78 10.02 3.50
C ALA C 217 -8.42 9.71 2.05
N PRO C 218 -7.37 8.92 1.80
CA PRO C 218 -6.97 8.66 0.43
C PRO C 218 -7.95 7.75 -0.30
N ARG C 219 -7.99 7.90 -1.61
CA ARG C 219 -8.88 7.13 -2.48
C ARG C 219 -8.06 6.31 -3.48
N LEU C 220 -8.76 5.50 -4.26
CA LEU C 220 -8.12 4.74 -5.33
C LEU C 220 -7.77 5.68 -6.49
N GLN E 5 -5.92 -35.10 14.83
CA GLN E 5 -5.36 -36.31 14.26
C GLN E 5 -4.16 -36.01 13.38
N LYS E 6 -4.33 -35.10 12.42
CA LYS E 6 -3.21 -34.66 11.60
C LYS E 6 -2.22 -33.85 12.44
N GLU E 7 -2.73 -33.05 13.38
CA GLU E 7 -1.86 -32.32 14.30
C GLU E 7 -1.18 -33.22 15.31
N GLU E 8 -1.59 -34.49 15.40
CA GLU E 8 -0.96 -35.41 16.34
C GLU E 8 0.46 -35.77 15.90
N GLU E 9 0.62 -36.16 14.63
CA GLU E 9 1.96 -36.42 14.12
C GLU E 9 2.75 -35.13 13.92
N ALA E 10 2.05 -34.01 13.72
CA ALA E 10 2.74 -32.74 13.58
C ALA E 10 3.46 -32.35 14.86
N ARG E 11 2.86 -32.68 16.02
CA ARG E 11 3.52 -32.40 17.29
C ARG E 11 4.79 -33.24 17.45
N LYS E 12 4.75 -34.50 17.00
CA LYS E 12 5.93 -35.35 17.08
C LYS E 12 7.08 -34.79 16.27
N VAL E 13 6.78 -34.27 15.08
CA VAL E 13 7.82 -33.71 14.22
C VAL E 13 8.40 -32.44 14.83
N LYS E 14 7.55 -31.62 15.44
CA LYS E 14 8.02 -30.36 16.02
C LYS E 14 9.02 -30.60 17.14
N SER E 15 8.81 -31.65 17.93
CA SER E 15 9.63 -31.91 19.11
C SER E 15 11.09 -32.19 18.78
N GLY E 16 11.43 -32.38 17.51
CA GLY E 16 12.80 -32.63 17.12
C GLY E 16 13.33 -31.64 16.10
N ILE E 17 12.86 -30.38 16.19
CA ILE E 17 13.25 -29.34 15.26
C ILE E 17 13.68 -28.11 16.06
N ARG E 18 14.96 -27.75 15.94
CA ARG E 18 15.47 -26.49 16.44
C ARG E 18 15.66 -25.52 15.29
N GLN E 19 15.48 -24.24 15.56
CA GLN E 19 15.63 -23.24 14.52
C GLN E 19 15.89 -21.88 15.15
N MET E 20 16.84 -21.14 14.58
CA MET E 20 17.18 -19.81 15.05
C MET E 20 17.92 -19.06 13.96
N ARG E 21 17.83 -17.73 14.00
CA ARG E 21 18.52 -16.87 13.05
C ARG E 21 19.92 -16.60 13.59
N LEU E 22 20.92 -17.27 13.00
CA LEU E 22 22.27 -17.22 13.53
C LEU E 22 23.21 -16.32 12.73
N PHE E 23 23.01 -16.20 11.42
CA PHE E 23 23.93 -15.47 10.55
C PHE E 23 23.29 -14.17 10.11
N SER E 24 24.01 -13.07 10.30
CA SER E 24 23.55 -11.77 9.81
C SER E 24 23.63 -11.73 8.28
N GLN E 25 22.95 -10.73 7.70
CA GLN E 25 22.93 -10.63 6.24
C GLN E 25 24.32 -10.33 5.69
N ASP E 26 25.18 -9.70 6.47
CA ASP E 26 26.56 -9.51 6.03
C ASP E 26 27.34 -10.82 6.09
N GLU E 27 27.09 -11.62 7.14
CA GLU E 27 27.72 -12.94 7.22
C GLU E 27 27.22 -13.85 6.11
N CYS E 28 25.92 -13.77 5.79
CA CYS E 28 25.39 -14.56 4.68
C CYS E 28 26.01 -14.12 3.36
N ALA E 29 26.17 -12.81 3.16
CA ALA E 29 26.76 -12.31 1.92
C ALA E 29 28.19 -12.82 1.76
N LYS E 30 28.97 -12.85 2.85
CA LYS E 30 30.32 -13.38 2.79
C LYS E 30 30.31 -14.88 2.50
N ILE E 31 29.38 -15.61 3.13
CA ILE E 31 29.29 -17.04 2.90
C ILE E 31 28.79 -17.33 1.49
N GLU E 32 27.83 -16.52 1.01
CA GLU E 32 27.29 -16.74 -0.33
C GLU E 32 28.33 -16.49 -1.41
N ALA E 33 29.20 -15.49 -1.20
CA ALA E 33 30.31 -15.28 -2.11
C ALA E 33 31.25 -16.47 -2.14
N ARG E 34 31.36 -17.19 -1.02
CA ARG E 34 32.15 -18.42 -1.00
C ARG E 34 31.45 -19.54 -1.75
N ILE E 35 30.11 -19.60 -1.65
CA ILE E 35 29.35 -20.60 -2.41
C ILE E 35 29.55 -20.41 -3.90
N ASP E 36 29.54 -19.15 -4.35
CA ASP E 36 29.78 -18.88 -5.77
C ASP E 36 31.19 -19.28 -6.18
N GLU E 37 32.16 -19.14 -5.28
CA GLU E 37 33.51 -19.59 -5.58
C GLU E 37 33.57 -21.09 -5.78
N VAL E 38 32.84 -21.85 -4.96
CA VAL E 38 32.77 -23.30 -5.12
C VAL E 38 32.17 -23.65 -6.48
N VAL E 39 31.11 -22.94 -6.89
CA VAL E 39 30.51 -23.18 -8.18
C VAL E 39 31.50 -22.87 -9.30
N SER E 40 32.29 -21.80 -9.14
CA SER E 40 33.29 -21.47 -10.15
C SER E 40 34.36 -22.55 -10.23
N ARG E 41 34.86 -23.00 -9.08
CA ARG E 41 35.86 -24.07 -9.08
C ARG E 41 35.31 -25.35 -9.68
N ALA E 42 34.01 -25.61 -9.52
CA ALA E 42 33.41 -26.81 -10.10
C ALA E 42 33.30 -26.68 -11.63
N GLU E 43 32.87 -25.52 -12.11
CA GLU E 43 32.79 -25.28 -13.54
C GLU E 43 34.15 -25.29 -14.22
N LYS E 44 35.22 -25.00 -13.48
CA LYS E 44 36.57 -25.07 -14.02
C LYS E 44 37.16 -26.46 -13.93
N GLY E 45 36.43 -27.42 -13.39
CA GLY E 45 36.94 -28.78 -13.26
C GLY E 45 38.08 -28.92 -12.29
N LEU E 46 38.10 -28.11 -11.23
CA LEU E 46 39.19 -28.12 -10.26
C LEU E 46 38.94 -29.06 -9.09
N TYR E 47 37.71 -29.49 -8.88
CA TYR E 47 37.39 -30.47 -7.85
C TYR E 47 37.51 -31.89 -8.41
N ASN E 48 37.63 -32.85 -7.50
CA ASN E 48 37.56 -34.25 -7.90
C ASN E 48 36.18 -34.56 -8.45
N GLU E 49 36.09 -35.68 -9.19
CA GLU E 49 34.88 -35.98 -9.94
C GLU E 49 33.67 -36.13 -9.02
N HIS E 50 33.82 -36.91 -7.96
CA HIS E 50 32.69 -37.20 -7.07
C HIS E 50 32.40 -36.07 -6.08
N THR E 51 33.14 -34.96 -6.15
CA THR E 51 32.80 -33.80 -5.32
C THR E 51 31.58 -33.08 -5.88
N VAL E 52 31.45 -33.03 -7.19
CA VAL E 52 30.36 -32.31 -7.86
C VAL E 52 29.32 -33.31 -8.31
N ASP E 53 28.06 -33.07 -7.94
CA ASP E 53 26.93 -33.91 -8.31
C ASP E 53 25.84 -33.02 -8.89
N ARG E 54 25.66 -33.08 -10.21
CA ARG E 54 24.79 -32.17 -10.92
C ARG E 54 23.44 -32.80 -11.23
N ALA E 55 22.47 -31.94 -11.48
CA ALA E 55 21.11 -32.34 -11.82
C ALA E 55 20.43 -31.17 -12.52
N PRO E 56 19.29 -31.39 -13.19
CA PRO E 56 18.65 -30.30 -13.94
C PRO E 56 18.50 -28.99 -13.19
N LEU E 57 18.07 -29.02 -11.93
CA LEU E 57 17.86 -27.80 -11.16
C LEU E 57 18.52 -27.81 -9.79
N ARG E 58 19.28 -28.84 -9.44
CA ARG E 58 19.95 -28.90 -8.14
C ARG E 58 21.36 -29.44 -8.32
N ASN E 59 22.33 -28.80 -7.66
CA ASN E 59 23.70 -29.27 -7.61
C ASN E 59 24.08 -29.54 -6.17
N LYS E 60 24.68 -30.70 -5.92
CA LYS E 60 25.23 -31.03 -4.62
C LYS E 60 26.76 -30.99 -4.70
N TYR E 61 27.37 -30.41 -3.68
CA TYR E 61 28.83 -30.31 -3.59
C TYR E 61 29.26 -31.02 -2.31
N PHE E 62 29.93 -32.15 -2.47
CA PHE E 62 30.32 -32.99 -1.33
C PHE E 62 31.71 -32.63 -0.87
N PHE E 63 31.85 -32.31 0.41
CA PHE E 63 33.13 -32.02 1.03
C PHE E 63 33.27 -32.83 2.31
N GLY E 64 34.46 -33.40 2.51
CA GLY E 64 34.69 -34.26 3.66
C GLY E 64 34.21 -35.68 3.41
N GLU E 65 32.90 -35.84 3.24
CA GLU E 65 32.31 -37.14 2.96
C GLU E 65 31.13 -36.95 2.01
N GLY E 66 31.08 -37.75 0.95
CA GLY E 66 29.98 -37.76 0.01
C GLY E 66 29.27 -39.10 0.04
N TYR E 67 28.08 -39.12 -0.58
CA TYR E 67 27.25 -40.32 -0.56
C TYR E 67 26.60 -40.52 -1.93
N THR E 68 26.45 -41.79 -2.29
CA THR E 68 25.62 -42.16 -3.43
C THR E 68 24.16 -42.20 -3.02
N TYR E 69 23.28 -41.87 -3.96
CA TYR E 69 21.86 -41.79 -3.64
C TYR E 69 21.04 -41.89 -4.92
N GLY E 70 19.80 -42.36 -4.76
CA GLY E 70 18.85 -42.31 -5.86
C GLY E 70 19.26 -43.18 -7.03
N ALA E 71 19.32 -42.56 -8.21
CA ALA E 71 19.62 -43.31 -9.43
C ALA E 71 21.03 -43.87 -9.44
N GLN E 72 21.92 -43.36 -8.59
CA GLN E 72 23.28 -43.87 -8.51
C GLN E 72 23.38 -45.22 -7.82
N LEU E 73 22.30 -45.66 -7.17
CA LEU E 73 22.29 -46.94 -6.47
C LEU E 73 21.90 -48.05 -7.45
N GLN E 74 22.75 -49.07 -7.55
CA GLN E 74 22.44 -50.20 -8.42
C GLN E 74 21.19 -50.94 -7.93
N LYS E 75 21.07 -51.12 -6.62
CA LYS E 75 19.89 -51.72 -5.99
C LYS E 75 19.33 -50.71 -5.01
N ARG E 76 18.14 -50.19 -5.29
CA ARG E 76 17.52 -49.20 -4.42
C ARG E 76 16.94 -49.87 -3.18
N GLY E 77 16.83 -49.09 -2.11
CA GLY E 77 16.27 -49.59 -0.87
C GLY E 77 16.98 -49.04 0.35
N PRO E 78 16.45 -49.33 1.53
CA PRO E 78 17.10 -48.87 2.76
C PRO E 78 18.45 -49.54 2.97
N GLY E 79 19.37 -48.78 3.57
CA GLY E 79 20.71 -49.28 3.82
C GLY E 79 21.57 -49.47 2.60
N GLN E 80 21.17 -48.91 1.46
CA GLN E 80 21.90 -49.10 0.21
C GLN E 80 22.83 -47.95 -0.13
N GLU E 81 22.68 -46.79 0.51
CA GLU E 81 23.57 -45.67 0.26
C GLU E 81 24.97 -45.99 0.76
N ARG E 82 25.97 -45.53 0.02
CA ARG E 82 27.37 -45.76 0.35
C ARG E 82 28.13 -44.45 0.34
N LEU E 83 29.19 -44.39 1.17
CA LEU E 83 30.12 -43.28 1.09
C LEU E 83 31.15 -43.55 -0.01
N TYR E 84 31.73 -42.48 -0.52
CA TYR E 84 32.79 -42.61 -1.51
C TYR E 84 34.07 -43.10 -0.84
N PRO E 85 35.02 -43.60 -1.63
CA PRO E 85 36.29 -44.08 -1.05
C PRO E 85 36.97 -42.99 -0.23
N PRO E 86 37.82 -43.37 0.72
CA PRO E 86 38.50 -42.36 1.55
C PRO E 86 39.39 -41.47 0.71
N GLY E 87 39.23 -40.16 0.89
CA GLY E 87 40.00 -39.20 0.13
C GLY E 87 39.49 -38.94 -1.27
N ASP E 88 38.31 -39.47 -1.63
CA ASP E 88 37.76 -39.25 -2.96
C ASP E 88 37.20 -37.84 -3.08
N VAL E 89 36.18 -37.52 -2.29
CA VAL E 89 35.63 -36.17 -2.30
C VAL E 89 36.63 -35.18 -1.70
N ASP E 90 36.47 -33.92 -2.06
CA ASP E 90 37.41 -32.89 -1.64
C ASP E 90 37.27 -32.59 -0.16
N GLU E 91 38.33 -31.99 0.40
CA GLU E 91 38.32 -31.59 1.79
C GLU E 91 37.27 -30.53 2.05
N ILE E 92 36.76 -30.50 3.28
CA ILE E 92 35.89 -29.41 3.72
C ILE E 92 36.71 -28.12 3.63
N PRO E 93 36.30 -27.15 2.83
CA PRO E 93 37.09 -25.92 2.69
C PRO E 93 37.23 -25.21 4.02
N GLU E 94 38.32 -24.48 4.16
CA GLU E 94 38.60 -23.76 5.38
C GLU E 94 37.57 -22.72 5.72
N TRP E 95 36.98 -22.09 4.72
CA TRP E 95 35.97 -21.06 4.98
C TRP E 95 34.70 -21.66 5.58
N VAL E 96 34.44 -22.95 5.32
CA VAL E 96 33.32 -23.61 5.98
C VAL E 96 33.60 -23.77 7.47
N HIS E 97 34.84 -24.10 7.82
CA HIS E 97 35.21 -24.21 9.23
C HIS E 97 35.13 -22.85 9.92
N GLN E 98 35.70 -21.82 9.29
CA GLN E 98 35.79 -20.49 9.89
C GLN E 98 34.55 -19.60 9.85
N LEU E 99 33.64 -19.83 8.91
CA LEU E 99 32.46 -18.99 8.79
C LEU E 99 31.17 -19.68 9.23
N VAL E 100 31.11 -21.01 9.19
CA VAL E 100 29.88 -21.74 9.48
C VAL E 100 30.03 -22.65 10.69
N ILE E 101 31.01 -23.56 10.65
CA ILE E 101 31.11 -24.57 11.71
C ILE E 101 31.52 -23.93 13.03
N GLN E 102 32.47 -22.99 12.98
CA GLN E 102 32.92 -22.35 14.21
C GLN E 102 31.80 -21.53 14.87
N LYS E 103 30.95 -20.91 14.05
CA LYS E 103 29.80 -20.20 14.60
C LYS E 103 28.86 -21.15 15.32
N LEU E 104 28.66 -22.35 14.77
CA LEU E 104 27.76 -23.31 15.39
C LEU E 104 28.35 -23.87 16.68
N VAL E 105 29.65 -24.17 16.69
CA VAL E 105 30.29 -24.70 17.89
C VAL E 105 30.26 -23.66 19.01
N GLU E 106 30.63 -22.42 18.67
CA GLU E 106 30.65 -21.35 19.67
C GLU E 106 29.25 -21.06 20.22
N HIS E 107 28.21 -21.35 19.44
CA HIS E 107 26.84 -21.14 19.88
C HIS E 107 26.18 -22.43 20.34
N ARG E 108 26.98 -23.46 20.67
CA ARG E 108 26.51 -24.68 21.33
C ARG E 108 25.51 -25.46 20.50
N VAL E 109 25.41 -25.20 19.20
CA VAL E 109 24.49 -25.97 18.37
C VAL E 109 24.99 -27.40 18.23
N ILE E 110 26.28 -27.58 18.00
CA ILE E 110 26.90 -28.91 17.92
C ILE E 110 28.28 -28.85 18.56
N PRO E 111 28.75 -29.98 19.09
CA PRO E 111 30.07 -29.99 19.71
C PRO E 111 31.19 -29.81 18.69
N GLU E 112 32.37 -29.50 19.21
CA GLU E 112 33.55 -29.41 18.36
C GLU E 112 34.02 -30.82 17.98
N GLY E 113 34.54 -30.94 16.77
CA GLY E 113 34.95 -32.22 16.25
C GLY E 113 33.81 -33.12 15.83
N PHE E 114 32.59 -32.58 15.76
CA PHE E 114 31.43 -33.38 15.36
C PHE E 114 31.30 -33.44 13.85
N VAL E 115 31.25 -32.29 13.19
CA VAL E 115 31.06 -32.24 11.75
C VAL E 115 32.31 -32.75 11.04
N ASN E 116 32.13 -33.77 10.21
CA ASN E 116 33.18 -34.22 9.30
C ASN E 116 32.72 -34.25 7.86
N SER E 117 31.47 -33.88 7.58
CA SER E 117 30.94 -33.84 6.22
C SER E 117 30.16 -32.55 6.04
N ALA E 118 30.46 -31.83 4.95
CA ALA E 118 29.75 -30.61 4.60
C ALA E 118 29.27 -30.72 3.16
N VAL E 119 27.95 -30.68 2.98
CA VAL E 119 27.33 -30.82 1.67
C VAL E 119 26.61 -29.52 1.34
N ILE E 120 26.91 -28.96 0.17
CA ILE E 120 26.30 -27.73 -0.30
C ILE E 120 25.31 -28.09 -1.40
N ASN E 121 24.02 -27.88 -1.14
CA ASN E 121 23.01 -27.97 -2.17
C ASN E 121 22.78 -26.59 -2.76
N ASP E 122 22.74 -26.51 -4.09
CA ASP E 122 22.51 -25.25 -4.80
C ASP E 122 21.30 -25.44 -5.69
N TYR E 123 20.22 -24.70 -5.40
CA TYR E 123 18.96 -24.87 -6.10
C TYR E 123 18.73 -23.71 -7.06
N GLN E 124 18.45 -24.03 -8.31
CA GLN E 124 17.92 -23.05 -9.25
C GLN E 124 16.42 -22.88 -9.00
N PRO E 125 15.82 -21.80 -9.49
CA PRO E 125 14.38 -21.62 -9.33
C PRO E 125 13.60 -22.80 -9.90
N GLY E 126 12.74 -23.37 -9.07
CA GLY E 126 11.96 -24.54 -9.45
C GLY E 126 12.56 -25.86 -9.02
N GLY E 127 13.75 -25.86 -8.43
CA GLY E 127 14.37 -27.09 -7.98
C GLY E 127 13.66 -27.68 -6.77
N CYS E 128 14.04 -28.91 -6.44
CA CYS E 128 13.42 -29.64 -5.35
C CYS E 128 14.35 -30.76 -4.90
N ILE E 129 13.86 -31.56 -3.95
CA ILE E 129 14.53 -32.80 -3.57
C ILE E 129 13.47 -33.74 -3.00
N VAL E 130 13.41 -34.96 -3.55
CA VAL E 130 12.33 -35.89 -3.22
C VAL E 130 12.43 -36.32 -1.75
N SER E 131 11.27 -36.58 -1.13
CA SER E 131 11.21 -36.94 0.27
C SER E 131 12.16 -38.10 0.58
N HIS E 132 12.81 -38.01 1.73
CA HIS E 132 13.78 -39.02 2.14
C HIS E 132 14.08 -38.85 3.62
N VAL E 133 14.61 -39.91 4.21
CA VAL E 133 15.22 -39.86 5.54
C VAL E 133 16.72 -39.94 5.33
N ASP E 134 17.46 -39.02 5.96
CA ASP E 134 18.91 -39.08 5.91
C ASP E 134 19.37 -40.44 6.41
N PRO E 135 20.06 -41.24 5.58
CA PRO E 135 20.29 -42.66 5.90
C PRO E 135 20.88 -42.89 7.28
N ILE E 136 20.17 -43.66 8.10
CA ILE E 136 20.59 -43.89 9.48
C ILE E 136 21.87 -44.71 9.53
N HIS E 137 22.13 -45.51 8.50
CA HIS E 137 23.35 -46.30 8.42
C HIS E 137 24.55 -45.47 7.95
N ILE E 138 24.36 -44.17 7.70
CA ILE E 138 25.41 -43.30 7.18
C ILE E 138 25.74 -42.18 8.15
N PHE E 139 24.73 -41.41 8.55
CA PHE E 139 24.93 -40.19 9.32
C PHE E 139 24.46 -40.36 10.75
N GLU E 140 25.21 -39.77 11.68
CA GLU E 140 24.77 -39.63 13.06
C GLU E 140 23.69 -38.56 13.15
N ARG E 141 23.23 -38.31 14.38
CA ARG E 141 22.28 -37.24 14.66
C ARG E 141 22.88 -36.29 15.68
N PRO E 142 22.48 -35.00 15.66
CA PRO E 142 21.48 -34.38 14.80
C PRO E 142 21.98 -33.98 13.42
N ILE E 143 21.07 -33.50 12.58
CA ILE E 143 21.40 -33.03 11.23
C ILE E 143 21.22 -31.51 11.21
N VAL E 144 22.27 -30.79 10.88
CA VAL E 144 22.29 -29.32 10.91
C VAL E 144 22.34 -28.81 9.48
N SER E 145 21.57 -27.75 9.21
CA SER E 145 21.51 -27.15 7.88
C SER E 145 21.34 -25.64 8.02
N VAL E 146 21.99 -24.90 7.14
CA VAL E 146 21.94 -23.43 7.12
C VAL E 146 21.56 -22.97 5.73
N SER E 147 20.51 -22.16 5.63
CA SER E 147 19.99 -21.70 4.35
C SER E 147 20.63 -20.39 3.94
N PHE E 148 20.69 -20.16 2.63
CA PHE E 148 21.31 -18.95 2.10
C PHE E 148 20.60 -18.53 0.81
N PHE E 149 20.91 -17.30 0.39
CA PHE E 149 20.46 -16.69 -0.86
C PHE E 149 18.99 -16.28 -0.85
N SER E 150 18.10 -17.13 -0.33
CA SER E 150 16.68 -16.79 -0.33
C SER E 150 15.95 -17.64 0.70
N ASP E 151 14.73 -17.20 1.02
CA ASP E 151 13.86 -17.95 1.90
C ASP E 151 13.23 -19.13 1.17
N SER E 152 12.83 -20.14 1.93
CA SER E 152 12.21 -21.34 1.39
C SER E 152 11.43 -22.03 2.51
N ALA E 153 11.11 -23.30 2.30
CA ALA E 153 10.35 -24.08 3.26
C ALA E 153 10.80 -25.54 3.21
N LEU E 154 10.94 -26.14 4.39
CA LEU E 154 11.28 -27.56 4.53
C LEU E 154 10.02 -28.30 4.96
N CYS E 155 9.58 -29.25 4.14
CA CYS E 155 8.35 -29.97 4.37
C CYS E 155 8.64 -31.38 4.88
N PHE E 156 7.69 -31.93 5.63
CA PHE E 156 7.83 -33.24 6.25
C PHE E 156 6.63 -34.10 5.91
N GLY E 157 6.88 -35.38 5.64
CA GLY E 157 5.82 -36.32 5.37
C GLY E 157 5.11 -36.12 4.05
N CYS E 158 5.87 -35.88 2.98
CA CYS E 158 5.32 -35.63 1.66
C CYS E 158 5.55 -36.84 0.76
N LYS E 159 4.58 -37.08 -0.13
CA LYS E 159 4.69 -38.13 -1.15
C LYS E 159 4.72 -37.47 -2.52
N PHE E 160 5.76 -37.76 -3.29
CA PHE E 160 5.96 -37.13 -4.58
C PHE E 160 5.30 -37.95 -5.68
N GLN E 161 4.54 -37.27 -6.53
CA GLN E 161 4.10 -37.81 -7.81
C GLN E 161 4.87 -37.13 -8.92
N PHE E 162 5.11 -37.87 -10.01
CA PHE E 162 5.98 -37.40 -11.07
C PHE E 162 5.24 -37.36 -12.40
N LYS E 163 5.88 -36.70 -13.37
CA LYS E 163 5.36 -36.48 -14.72
C LYS E 163 3.97 -35.85 -14.69
N PRO E 164 3.83 -34.59 -14.22
CA PRO E 164 4.87 -33.73 -13.66
C PRO E 164 4.99 -33.89 -12.15
N ILE E 165 5.92 -33.15 -11.54
CA ILE E 165 6.17 -33.28 -10.11
C ILE E 165 4.98 -32.71 -9.34
N ARG E 166 4.34 -33.57 -8.54
CA ARG E 166 3.20 -33.18 -7.70
C ARG E 166 3.43 -33.69 -6.29
N VAL E 167 3.30 -32.79 -5.32
CA VAL E 167 3.58 -33.10 -3.92
C VAL E 167 2.27 -33.03 -3.14
N SER E 168 2.06 -34.02 -2.28
CA SER E 168 0.86 -34.05 -1.44
C SER E 168 1.01 -33.10 -0.25
N GLU E 169 -0.07 -32.96 0.50
CA GLU E 169 -0.07 -32.04 1.63
C GLU E 169 0.92 -32.52 2.69
N PRO E 170 1.79 -31.65 3.18
CA PRO E 170 2.77 -32.08 4.19
C PRO E 170 2.15 -32.23 5.57
N VAL E 171 2.76 -33.11 6.37
CA VAL E 171 2.40 -33.21 7.78
C VAL E 171 2.79 -31.93 8.51
N LEU E 172 3.93 -31.35 8.16
CA LEU E 172 4.40 -30.10 8.74
C LEU E 172 5.23 -29.36 7.70
N SER E 173 5.01 -28.05 7.61
CA SER E 173 5.74 -27.19 6.68
C SER E 173 6.54 -26.18 7.50
N LEU E 174 7.86 -26.29 7.43
CA LEU E 174 8.75 -25.45 8.23
C LEU E 174 9.43 -24.41 7.36
N PRO E 175 9.10 -23.13 7.48
CA PRO E 175 9.79 -22.10 6.70
C PRO E 175 11.24 -21.95 7.17
N VAL E 176 12.16 -21.96 6.21
CA VAL E 176 13.58 -21.82 6.47
C VAL E 176 14.04 -20.50 5.85
N ARG E 177 14.41 -19.54 6.70
CA ARG E 177 14.80 -18.23 6.24
C ARG E 177 16.29 -18.19 5.91
N ARG E 178 16.69 -17.16 5.15
CA ARG E 178 18.10 -16.93 4.86
C ARG E 178 18.84 -16.60 6.15
N GLY E 179 19.91 -17.35 6.41
CA GLY E 179 20.70 -17.16 7.61
C GLY E 179 20.25 -17.94 8.82
N SER E 180 19.17 -18.72 8.71
CA SER E 180 18.67 -19.50 9.82
C SER E 180 19.27 -20.89 9.82
N VAL E 181 19.39 -21.48 11.01
CA VAL E 181 19.94 -22.82 11.21
C VAL E 181 18.80 -23.75 11.58
N THR E 182 18.74 -24.90 10.91
CA THR E 182 17.72 -25.92 11.18
C THR E 182 18.41 -27.17 11.70
N VAL E 183 17.95 -27.65 12.85
CA VAL E 183 18.52 -28.83 13.50
C VAL E 183 17.42 -29.88 13.62
N LEU E 184 17.61 -31.01 12.94
CA LEU E 184 16.68 -32.12 12.98
C LEU E 184 17.23 -33.21 13.91
N SER E 185 16.34 -33.79 14.70
CA SER E 185 16.75 -34.86 15.62
C SER E 185 15.52 -35.64 16.04
N GLY E 186 15.76 -36.82 16.62
CA GLY E 186 14.69 -37.61 17.18
C GLY E 186 13.71 -38.07 16.13
N TYR E 187 12.42 -37.78 16.37
CA TYR E 187 11.38 -38.21 15.45
C TYR E 187 11.49 -37.52 14.10
N ALA E 188 11.76 -36.22 14.11
CA ALA E 188 11.83 -35.46 12.86
C ALA E 188 12.96 -35.91 11.96
N ALA E 189 13.99 -36.56 12.51
CA ALA E 189 15.13 -37.01 11.73
C ALA E 189 15.08 -38.49 11.40
N ASP E 190 14.36 -39.30 12.18
CA ASP E 190 14.40 -40.74 12.04
C ASP E 190 13.08 -41.37 11.59
N GLU E 191 11.95 -40.79 11.96
CA GLU E 191 10.66 -41.45 11.79
C GLU E 191 9.78 -40.79 10.73
N ILE E 192 10.28 -39.81 10.00
CA ILE E 192 9.51 -39.16 8.95
C ILE E 192 10.48 -38.58 7.93
N THR E 193 10.02 -38.48 6.69
CA THR E 193 10.85 -37.93 5.63
C THR E 193 10.75 -36.41 5.60
N HIS E 194 11.78 -35.79 5.03
CA HIS E 194 11.77 -34.36 4.76
C HIS E 194 12.11 -34.14 3.30
N CYS E 195 11.72 -32.98 2.78
CA CYS E 195 11.89 -32.68 1.36
C CYS E 195 11.83 -31.18 1.16
N ILE E 196 11.98 -30.76 -0.09
CA ILE E 196 11.78 -29.38 -0.51
C ILE E 196 10.89 -29.40 -1.74
N ARG E 197 9.69 -28.83 -1.63
CA ARG E 197 8.79 -28.79 -2.77
C ARG E 197 9.28 -27.77 -3.80
N PRO E 198 9.01 -28.02 -5.09
CA PRO E 198 9.44 -27.06 -6.12
C PRO E 198 8.82 -25.68 -5.95
N GLN E 199 7.61 -25.59 -5.39
CA GLN E 199 6.98 -24.30 -5.21
C GLN E 199 7.65 -23.47 -4.11
N ASP E 200 8.45 -24.10 -3.26
CA ASP E 200 9.15 -23.40 -2.20
C ASP E 200 10.51 -22.88 -2.64
N ILE E 201 10.82 -22.96 -3.93
CA ILE E 201 12.09 -22.46 -4.49
C ILE E 201 11.70 -21.46 -5.58
N LYS E 202 11.50 -20.20 -5.19
CA LYS E 202 11.13 -19.17 -6.15
C LYS E 202 12.34 -18.42 -6.66
N GLU E 203 13.34 -18.22 -5.80
CA GLU E 203 14.62 -17.65 -6.17
C GLU E 203 15.69 -18.73 -6.03
N ARG E 204 16.93 -18.37 -6.34
CA ARG E 204 18.04 -19.28 -6.11
C ARG E 204 18.22 -19.50 -4.61
N ARG E 205 18.34 -20.75 -4.21
CA ARG E 205 18.54 -21.11 -2.81
C ARG E 205 19.69 -22.08 -2.69
N ALA E 206 20.53 -21.86 -1.67
CA ALA E 206 21.57 -22.80 -1.29
C ALA E 206 21.39 -23.20 0.17
N VAL E 207 22.03 -24.30 0.54
CA VAL E 207 22.01 -24.76 1.93
C VAL E 207 23.29 -25.53 2.20
N ILE E 208 23.86 -25.31 3.38
CA ILE E 208 25.04 -26.01 3.84
C ILE E 208 24.60 -27.00 4.92
N ILE E 209 24.73 -28.29 4.62
CA ILE E 209 24.28 -29.35 5.51
C ILE E 209 25.51 -29.97 6.18
N LEU E 210 25.54 -29.92 7.50
CA LEU E 210 26.68 -30.36 8.29
C LEU E 210 26.26 -31.56 9.13
N ARG E 211 26.90 -32.71 8.87
CA ARG E 211 26.55 -33.96 9.52
C ARG E 211 27.82 -34.65 9.99
N LYS E 212 27.62 -35.70 10.79
CA LYS E 212 28.71 -36.59 11.22
C LYS E 212 28.41 -37.98 10.71
N THR E 213 29.35 -38.55 9.97
CA THR E 213 29.19 -39.90 9.46
C THR E 213 29.48 -40.92 10.56
N ARG E 214 28.83 -42.08 10.45
CA ARG E 214 29.07 -43.15 11.41
C ARG E 214 30.46 -43.75 11.21
N LEU E 215 30.99 -44.31 12.29
CA LEU E 215 32.28 -45.00 12.19
C LEU E 215 32.18 -46.23 11.30
N ASP E 216 31.06 -46.96 11.39
CA ASP E 216 30.84 -48.15 10.58
C ASP E 216 30.10 -47.84 9.28
N ALA E 217 30.19 -46.60 8.80
CA ALA E 217 29.51 -46.24 7.56
C ALA E 217 30.18 -46.94 6.38
N PRO E 218 29.43 -47.69 5.57
CA PRO E 218 30.05 -48.43 4.48
C PRO E 218 30.43 -47.52 3.31
N ARG E 219 31.50 -47.92 2.62
CA ARG E 219 32.04 -47.17 1.51
C ARG E 219 31.96 -47.97 0.23
N LEU E 220 32.24 -47.30 -0.89
CA LEU E 220 32.27 -47.94 -2.20
C LEU E 220 33.59 -48.69 -2.41
N GLN G 2 0.18 32.98 14.25
CA GLN G 2 0.68 31.67 13.86
C GLN G 2 1.52 31.81 12.61
N GLN G 3 0.83 31.92 11.48
CA GLN G 3 1.47 32.05 10.18
C GLN G 3 2.42 33.24 10.08
N LEU G 4 2.02 34.39 10.63
CA LEU G 4 2.92 35.52 10.54
C LEU G 4 4.22 35.24 11.26
N GLN G 5 4.16 34.60 12.43
CA GLN G 5 5.35 34.22 13.15
C GLN G 5 6.15 33.22 12.34
N LYS G 6 5.48 32.31 11.65
CA LYS G 6 6.14 31.37 10.78
C LYS G 6 6.83 32.04 9.63
N GLU G 7 6.26 33.11 9.12
CA GLU G 7 6.87 33.75 8.02
C GLU G 7 8.08 34.48 8.51
N GLU G 8 7.99 35.02 9.71
CA GLU G 8 9.14 35.74 10.23
C GLU G 8 10.33 34.82 10.44
N GLU G 9 10.09 33.61 10.94
CA GLU G 9 11.17 32.65 11.08
C GLU G 9 11.61 32.06 9.75
N ALA G 10 10.73 32.09 8.74
CA ALA G 10 11.11 31.62 7.41
C ALA G 10 12.20 32.50 6.82
N ARG G 11 12.12 33.82 7.03
CA ARG G 11 13.17 34.71 6.56
C ARG G 11 14.51 34.39 7.21
N LYS G 12 14.49 33.95 8.47
CA LYS G 12 15.75 33.68 9.18
C LYS G 12 16.40 32.39 8.70
N VAL G 13 15.60 31.38 8.39
CA VAL G 13 16.16 30.14 7.85
C VAL G 13 16.76 30.39 6.46
N LYS G 14 16.08 31.18 5.64
CA LYS G 14 16.58 31.48 4.30
C LYS G 14 17.92 32.22 4.35
N SER G 15 18.15 33.01 5.39
CA SER G 15 19.39 33.78 5.51
C SER G 15 20.62 32.89 5.64
N GLY G 16 20.44 31.60 5.90
CA GLY G 16 21.57 30.70 6.00
C GLY G 16 21.48 29.52 5.07
N ILE G 17 20.78 29.69 3.95
CA ILE G 17 20.60 28.63 2.96
C ILE G 17 21.11 29.15 1.61
N ARG G 18 22.03 28.40 1.02
CA ARG G 18 22.57 28.70 -0.30
C ARG G 18 22.37 27.51 -1.21
N GLN G 19 21.94 27.77 -2.44
CA GLN G 19 21.63 26.71 -3.40
C GLN G 19 22.14 27.09 -4.77
N MET G 20 22.41 26.08 -5.59
CA MET G 20 22.92 26.27 -6.94
C MET G 20 22.82 24.97 -7.71
N ARG G 21 22.73 25.08 -9.03
CA ARG G 21 22.92 23.94 -9.90
C ARG G 21 24.41 23.73 -10.15
N LEU G 22 24.83 22.48 -10.29
CA LEU G 22 26.25 22.22 -10.43
C LEU G 22 26.55 21.02 -11.33
N PHE G 23 25.80 19.93 -11.17
CA PHE G 23 26.09 18.68 -11.86
C PHE G 23 25.13 18.51 -13.03
N SER G 24 25.68 18.33 -14.23
CA SER G 24 24.86 18.10 -15.42
C SER G 24 24.24 16.71 -15.35
N GLN G 25 23.40 16.40 -16.34
CA GLN G 25 22.73 15.11 -16.35
C GLN G 25 23.71 13.97 -16.59
N ASP G 26 24.77 14.20 -17.37
CA ASP G 26 25.79 13.18 -17.56
C ASP G 26 26.63 13.01 -16.30
N GLU G 27 26.95 14.12 -15.62
CA GLU G 27 27.72 14.03 -14.39
C GLU G 27 26.93 13.36 -13.28
N CYS G 28 25.63 13.63 -13.20
CA CYS G 28 24.78 12.96 -12.23
C CYS G 28 24.73 11.46 -12.51
N ALA G 29 24.58 11.07 -13.78
CA ALA G 29 24.51 9.66 -14.11
C ALA G 29 25.79 8.93 -13.75
N LYS G 30 26.94 9.58 -13.92
CA LYS G 30 28.20 8.96 -13.56
C LYS G 30 28.32 8.78 -12.05
N ILE G 31 27.84 9.75 -11.27
CA ILE G 31 27.88 9.64 -9.82
C ILE G 31 26.82 8.64 -9.33
N GLU G 32 25.65 8.65 -9.96
CA GLU G 32 24.59 7.71 -9.58
C GLU G 32 25.02 6.27 -9.82
N ALA G 33 25.85 6.01 -10.83
CA ALA G 33 26.38 4.67 -11.03
C ALA G 33 27.37 4.31 -9.92
N ARG G 34 28.14 5.28 -9.44
CA ARG G 34 29.06 5.03 -8.34
C ARG G 34 28.30 4.75 -7.05
N ILE G 35 27.19 5.46 -6.83
CA ILE G 35 26.38 5.21 -5.65
C ILE G 35 25.83 3.78 -5.66
N ASP G 36 25.43 3.30 -6.84
CA ASP G 36 24.93 1.93 -6.94
C ASP G 36 26.02 0.92 -6.63
N GLU G 37 27.27 1.23 -7.02
CA GLU G 37 28.38 0.33 -6.70
C GLU G 37 28.54 0.20 -5.20
N VAL G 38 28.41 1.31 -4.46
CA VAL G 38 28.52 1.27 -3.01
C VAL G 38 27.40 0.43 -2.41
N VAL G 39 26.18 0.58 -2.95
CA VAL G 39 25.05 -0.22 -2.46
C VAL G 39 25.30 -1.70 -2.68
N SER G 40 25.84 -2.06 -3.85
CA SER G 40 26.16 -3.45 -4.13
C SER G 40 27.29 -3.94 -3.24
N ARG G 41 28.31 -3.10 -3.02
CA ARG G 41 29.40 -3.47 -2.14
C ARG G 41 28.91 -3.74 -0.72
N ALA G 42 28.06 -2.85 -0.20
CA ALA G 42 27.50 -3.06 1.13
C ALA G 42 26.57 -4.28 1.14
N GLU G 43 25.84 -4.50 0.05
CA GLU G 43 24.97 -5.67 -0.04
C GLU G 43 25.79 -6.96 -0.02
N LYS G 44 26.99 -6.94 -0.59
CA LYS G 44 27.89 -8.09 -0.58
C LYS G 44 28.68 -8.20 0.71
N GLY G 45 28.44 -7.33 1.69
CA GLY G 45 29.13 -7.38 2.96
C GLY G 45 30.63 -7.14 2.85
N LEU G 46 31.00 -6.09 2.12
CA LEU G 46 32.41 -5.77 1.87
C LEU G 46 32.88 -4.54 2.62
N TYR G 47 32.01 -3.85 3.34
CA TYR G 47 32.39 -2.69 4.15
C TYR G 47 32.46 -3.08 5.61
N ASN G 48 33.00 -2.16 6.42
CA ASN G 48 33.06 -2.35 7.86
C ASN G 48 31.66 -2.35 8.46
N GLU G 49 31.57 -2.78 9.71
CA GLU G 49 30.28 -2.80 10.40
C GLU G 49 29.74 -1.38 10.59
N HIS G 50 30.62 -0.44 10.92
CA HIS G 50 30.24 0.94 11.18
C HIS G 50 30.20 1.79 9.92
N THR G 51 30.75 1.32 8.80
CA THR G 51 30.65 2.05 7.55
C THR G 51 29.22 2.06 7.02
N VAL G 52 28.47 0.99 7.27
CA VAL G 52 27.10 0.84 6.78
C VAL G 52 26.14 0.96 7.96
N ASP G 53 25.03 1.67 7.75
CA ASP G 53 23.99 1.83 8.76
C ASP G 53 22.65 1.63 8.06
N ARG G 54 21.95 0.56 8.43
CA ARG G 54 20.74 0.13 7.72
C ARG G 54 19.50 0.46 8.53
N ALA G 55 18.51 1.05 7.85
CA ALA G 55 17.18 1.29 8.36
C ALA G 55 16.19 0.81 7.30
N PRO G 56 14.93 0.57 7.67
CA PRO G 56 13.98 -0.01 6.69
C PRO G 56 13.92 0.70 5.34
N LEU G 57 13.83 2.02 5.33
CA LEU G 57 13.67 2.77 4.08
C LEU G 57 14.77 3.81 3.88
N ARG G 58 15.86 3.72 4.64
CA ARG G 58 16.99 4.64 4.47
C ARG G 58 18.26 3.95 4.92
N ASN G 59 19.31 4.07 4.12
CA ASN G 59 20.63 3.55 4.45
C ASN G 59 21.63 4.69 4.49
N LYS G 60 22.48 4.68 5.51
CA LYS G 60 23.58 5.62 5.64
C LYS G 60 24.91 4.91 5.38
N TYR G 61 25.77 5.56 4.59
CA TYR G 61 27.08 5.02 4.25
C TYR G 61 28.13 6.04 4.69
N PHE G 62 28.85 5.73 5.76
CA PHE G 62 29.80 6.66 6.35
C PHE G 62 31.17 6.48 5.70
N PHE G 63 31.72 7.57 5.18
CA PHE G 63 33.06 7.58 4.61
C PHE G 63 33.85 8.74 5.19
N GLY G 64 35.13 8.50 5.46
CA GLY G 64 35.97 9.48 6.09
C GLY G 64 35.73 9.58 7.58
N GLU G 65 34.52 9.99 7.96
CA GLU G 65 34.11 10.05 9.36
C GLU G 65 32.66 9.62 9.48
N GLY G 66 32.39 8.78 10.49
CA GLY G 66 31.04 8.35 10.80
C GLY G 66 30.65 8.81 12.20
N TYR G 67 29.36 8.69 12.50
CA TYR G 67 28.83 9.15 13.77
C TYR G 67 27.70 8.24 14.23
N THR G 68 27.51 8.20 15.54
CA THR G 68 26.37 7.52 16.14
C THR G 68 25.24 8.52 16.37
N TYR G 69 24.01 8.01 16.37
CA TYR G 69 22.86 8.88 16.46
C TYR G 69 21.65 8.09 16.96
N GLY G 70 20.72 8.81 17.58
CA GLY G 70 19.45 8.21 17.95
C GLY G 70 19.62 7.12 18.99
N ALA G 71 19.02 5.96 18.71
CA ALA G 71 19.04 4.82 19.62
C ALA G 71 20.41 4.18 19.74
N GLN G 72 21.42 4.67 19.03
CA GLN G 72 22.78 4.17 19.17
C GLN G 72 23.52 4.81 20.34
N LEU G 73 22.96 5.87 20.94
CA LEU G 73 23.58 6.55 22.06
C LEU G 73 23.19 5.88 23.36
N GLN G 74 24.18 5.63 24.23
CA GLN G 74 23.89 5.08 25.55
C GLN G 74 22.99 6.02 26.35
N LYS G 75 23.26 7.32 26.30
CA LYS G 75 22.41 8.33 26.87
C LYS G 75 21.95 9.26 25.75
N ARG G 76 20.64 9.46 25.63
CA ARG G 76 20.07 10.23 24.55
C ARG G 76 19.87 11.67 25.02
N GLY G 77 20.70 12.58 24.51
CA GLY G 77 20.60 13.98 24.85
C GLY G 77 21.52 14.83 24.00
N PRO G 78 21.52 16.14 24.24
CA PRO G 78 22.41 17.03 23.48
C PRO G 78 23.88 16.73 23.78
N GLY G 79 24.69 16.75 22.73
CA GLY G 79 26.12 16.51 22.88
C GLY G 79 26.53 15.07 23.07
N GLN G 80 25.60 14.12 22.87
CA GLN G 80 25.87 12.72 23.13
C GLN G 80 26.29 11.93 21.89
N GLU G 81 26.17 12.51 20.71
CA GLU G 81 26.65 11.84 19.50
C GLU G 81 28.18 11.70 19.55
N ARG G 82 28.68 10.63 18.94
CA ARG G 82 30.09 10.31 18.99
C ARG G 82 30.58 9.92 17.60
N LEU G 83 31.85 10.23 17.34
CA LEU G 83 32.52 9.73 16.15
C LEU G 83 33.02 8.32 16.39
N TYR G 84 33.16 7.57 15.30
CA TYR G 84 33.76 6.25 15.38
C TYR G 84 35.27 6.37 15.53
N PRO G 85 35.93 5.35 16.07
CA PRO G 85 37.39 5.43 16.29
C PRO G 85 38.13 5.76 15.01
N PRO G 86 39.33 6.34 15.12
CA PRO G 86 40.06 6.76 13.92
C PRO G 86 40.38 5.58 13.02
N GLY G 87 40.00 5.70 11.74
CA GLY G 87 40.24 4.66 10.77
C GLY G 87 39.23 3.53 10.77
N ASP G 88 38.16 3.62 11.57
CA ASP G 88 37.15 2.57 11.60
C ASP G 88 36.37 2.54 10.29
N VAL G 89 35.67 3.64 9.98
CA VAL G 89 34.93 3.71 8.73
C VAL G 89 35.90 3.77 7.55
N ASP G 90 35.40 3.38 6.38
CA ASP G 90 36.23 3.41 5.18
C ASP G 90 36.59 4.84 4.80
N GLU G 91 37.72 4.98 4.12
CA GLU G 91 38.14 6.28 3.63
C GLU G 91 37.17 6.78 2.56
N ILE G 92 37.23 8.07 2.29
CA ILE G 92 36.43 8.68 1.24
C ILE G 92 36.87 8.07 -0.10
N PRO G 93 35.96 7.46 -0.85
CA PRO G 93 36.36 6.85 -2.12
C PRO G 93 36.95 7.86 -3.08
N GLU G 94 37.80 7.36 -3.99
CA GLU G 94 38.50 8.24 -4.92
C GLU G 94 37.52 8.99 -5.82
N TRP G 95 36.44 8.32 -6.24
CA TRP G 95 35.48 8.97 -7.13
C TRP G 95 34.74 10.10 -6.42
N VAL G 96 34.56 10.01 -5.11
CA VAL G 96 33.94 11.11 -4.37
C VAL G 96 34.82 12.35 -4.44
N HIS G 97 36.14 12.16 -4.32
CA HIS G 97 37.06 13.28 -4.50
C HIS G 97 37.01 13.83 -5.91
N GLN G 98 37.15 12.96 -6.91
CA GLN G 98 37.32 13.40 -8.29
C GLN G 98 36.01 13.90 -8.91
N LEU G 99 34.87 13.35 -8.52
CA LEU G 99 33.61 13.70 -9.17
C LEU G 99 32.76 14.68 -8.37
N VAL G 100 32.91 14.73 -7.05
CA VAL G 100 32.02 15.53 -6.21
C VAL G 100 32.79 16.61 -5.49
N ILE G 101 33.81 16.23 -4.72
CA ILE G 101 34.54 17.19 -3.91
C ILE G 101 35.32 18.16 -4.79
N GLN G 102 35.98 17.65 -5.83
CA GLN G 102 36.73 18.52 -6.72
C GLN G 102 35.82 19.54 -7.41
N LYS G 103 34.62 19.10 -7.80
CA LYS G 103 33.66 20.02 -8.43
C LYS G 103 33.27 21.14 -7.49
N LEU G 104 32.96 20.80 -6.23
CA LEU G 104 32.58 21.81 -5.25
C LEU G 104 33.73 22.76 -4.95
N VAL G 105 34.95 22.23 -4.90
CA VAL G 105 36.13 23.08 -4.67
C VAL G 105 36.37 23.99 -5.87
N GLU G 106 36.23 23.46 -7.08
CA GLU G 106 36.46 24.27 -8.28
C GLU G 106 35.48 25.42 -8.38
N HIS G 107 34.24 25.23 -7.90
CA HIS G 107 33.22 26.27 -7.93
C HIS G 107 33.09 26.99 -6.60
N ARG G 108 34.11 26.90 -5.75
CA ARG G 108 34.22 27.71 -4.53
C ARG G 108 33.06 27.49 -3.56
N VAL G 109 32.51 26.27 -3.54
CA VAL G 109 31.51 25.94 -2.54
C VAL G 109 32.17 25.70 -1.19
N ILE G 110 33.32 25.02 -1.17
CA ILE G 110 34.06 24.77 0.07
C ILE G 110 35.55 24.83 -0.24
N PRO G 111 36.41 25.16 0.74
CA PRO G 111 37.85 25.24 0.45
C PRO G 111 38.46 23.88 0.20
N GLU G 112 39.73 23.88 -0.19
CA GLU G 112 40.48 22.64 -0.34
C GLU G 112 40.86 22.09 1.03
N GLY G 113 40.79 20.77 1.17
CA GLY G 113 41.09 20.14 2.44
C GLY G 113 40.07 20.36 3.53
N PHE G 114 38.89 20.88 3.19
CA PHE G 114 37.84 21.11 4.17
C PHE G 114 37.07 19.83 4.47
N VAL G 115 36.54 19.18 3.44
CA VAL G 115 35.70 18.01 3.61
C VAL G 115 36.55 16.83 4.05
N ASN G 116 36.22 16.26 5.22
CA ASN G 116 36.82 15.01 5.67
C ASN G 116 35.77 13.95 5.97
N SER G 117 34.49 14.24 5.70
CA SER G 117 33.42 13.29 5.93
C SER G 117 32.43 13.34 4.77
N ALA G 118 32.17 12.19 4.16
CA ALA G 118 31.20 12.06 3.07
C ALA G 118 30.22 10.96 3.42
N VAL G 119 28.95 11.32 3.56
CA VAL G 119 27.90 10.39 3.97
C VAL G 119 26.90 10.27 2.83
N ILE G 120 26.64 9.02 2.41
CA ILE G 120 25.66 8.73 1.37
C ILE G 120 24.38 8.26 2.05
N ASN G 121 23.29 9.00 1.84
CA ASN G 121 21.97 8.62 2.33
C ASN G 121 21.14 8.15 1.15
N ASP G 122 20.85 6.85 1.09
CA ASP G 122 20.03 6.27 0.04
C ASP G 122 18.63 6.04 0.59
N TYR G 123 17.65 6.72 0.00
CA TYR G 123 16.27 6.68 0.48
C TYR G 123 15.41 5.84 -0.46
N GLN G 124 14.62 4.95 0.12
CA GLN G 124 13.54 4.30 -0.63
C GLN G 124 12.29 5.15 -0.55
N PRO G 125 11.37 5.00 -1.52
CA PRO G 125 10.12 5.76 -1.46
C PRO G 125 9.40 5.55 -0.14
N GLY G 126 8.98 6.66 0.48
CA GLY G 126 8.44 6.64 1.83
C GLY G 126 9.47 6.81 2.92
N GLY G 127 10.76 6.85 2.58
CA GLY G 127 11.78 7.07 3.58
C GLY G 127 11.75 8.49 4.12
N CYS G 128 12.40 8.67 5.26
CA CYS G 128 12.38 9.94 5.96
C CYS G 128 13.61 10.04 6.86
N ILE G 129 13.73 11.17 7.55
CA ILE G 129 14.70 11.34 8.62
C ILE G 129 14.10 12.32 9.62
N VAL G 130 14.17 11.96 10.91
CA VAL G 130 13.51 12.75 11.94
C VAL G 130 14.24 14.08 12.12
N SER G 131 13.48 15.11 12.49
CA SER G 131 14.02 16.45 12.67
C SER G 131 15.22 16.43 13.60
N HIS G 132 16.30 17.09 13.17
CA HIS G 132 17.54 17.10 13.93
C HIS G 132 18.38 18.29 13.51
N VAL G 133 19.27 18.70 14.40
CA VAL G 133 20.34 19.63 14.09
C VAL G 133 21.62 18.82 14.00
N ASP G 134 22.40 19.06 12.96
CA ASP G 134 23.70 18.43 12.86
C ASP G 134 24.53 18.81 14.08
N PRO G 135 25.00 17.84 14.89
CA PRO G 135 25.58 18.16 16.20
C PRO G 135 26.65 19.23 16.16
N ILE G 136 26.43 20.31 16.93
CA ILE G 136 27.36 21.43 16.94
C ILE G 136 28.70 21.04 17.56
N HIS G 137 28.73 19.95 18.33
CA HIS G 137 29.96 19.46 18.94
C HIS G 137 30.71 18.47 18.05
N ILE G 138 30.15 18.12 16.89
CA ILE G 138 30.75 17.16 15.99
C ILE G 138 31.21 17.82 14.68
N PHE G 139 30.29 18.51 14.00
CA PHE G 139 30.53 19.03 12.66
C PHE G 139 30.75 20.53 12.69
N GLU G 140 31.73 20.99 11.92
CA GLU G 140 31.88 22.42 11.67
C GLU G 140 30.83 22.87 10.66
N ARG G 141 30.84 24.18 10.37
CA ARG G 141 29.94 24.76 9.39
C ARG G 141 30.74 25.35 8.24
N PRO G 142 30.17 25.43 7.03
CA PRO G 142 28.80 25.02 6.67
C PRO G 142 28.64 23.54 6.38
N ILE G 143 27.41 23.15 6.07
CA ILE G 143 27.06 21.76 5.74
C ILE G 143 26.58 21.73 4.29
N VAL G 144 27.20 20.86 3.49
CA VAL G 144 26.98 20.84 2.05
C VAL G 144 26.32 19.53 1.67
N SER G 145 25.25 19.62 0.87
CA SER G 145 24.53 18.45 0.40
C SER G 145 24.36 18.52 -1.11
N VAL G 146 24.38 17.35 -1.75
CA VAL G 146 24.15 17.21 -3.18
C VAL G 146 23.15 16.08 -3.39
N SER G 147 22.10 16.34 -4.17
CA SER G 147 21.01 15.40 -4.36
C SER G 147 21.18 14.64 -5.67
N PHE G 148 20.64 13.41 -5.72
CA PHE G 148 20.76 12.57 -6.89
C PHE G 148 19.50 11.73 -7.06
N PHE G 149 19.38 11.15 -8.26
CA PHE G 149 18.32 10.23 -8.65
C PHE G 149 16.96 10.90 -8.84
N SER G 150 16.53 11.73 -7.88
CA SER G 150 15.23 12.35 -7.98
C SER G 150 15.23 13.67 -7.22
N ASP G 151 14.10 14.39 -7.30
CA ASP G 151 13.91 15.65 -6.61
C ASP G 151 13.02 15.44 -5.40
N SER G 152 13.39 16.04 -4.28
CA SER G 152 12.59 15.97 -3.06
C SER G 152 12.46 17.34 -2.42
N ALA G 153 12.32 17.39 -1.10
CA ALA G 153 12.17 18.64 -0.39
C ALA G 153 12.77 18.51 1.01
N LEU G 154 13.53 19.52 1.40
CA LEU G 154 14.11 19.59 2.73
C LEU G 154 13.26 20.53 3.59
N CYS G 155 12.78 20.04 4.71
CA CYS G 155 11.89 20.80 5.59
C CYS G 155 12.63 21.22 6.86
N PHE G 156 12.17 22.31 7.46
CA PHE G 156 12.82 22.90 8.62
C PHE G 156 11.80 23.15 9.72
N GLY G 157 12.17 22.81 10.96
CA GLY G 157 11.33 23.07 12.11
C GLY G 157 10.07 22.23 12.15
N CYS G 158 10.21 20.93 11.92
CA CYS G 158 9.09 20.00 11.96
C CYS G 158 9.08 19.23 13.26
N LYS G 159 7.88 18.93 13.75
CA LYS G 159 7.70 18.07 14.91
C LYS G 159 7.30 16.68 14.44
N PHE G 160 7.98 15.67 14.94
CA PHE G 160 7.77 14.28 14.52
C PHE G 160 7.03 13.52 15.62
N GLN G 161 5.87 12.99 15.29
CA GLN G 161 5.17 12.03 16.12
C GLN G 161 5.16 10.67 15.41
N PHE G 162 5.03 9.62 16.21
CA PHE G 162 5.23 8.26 15.71
C PHE G 162 4.02 7.39 16.04
N LYS G 163 3.98 6.23 15.39
CA LYS G 163 2.91 5.23 15.51
C LYS G 163 1.55 5.82 15.19
N PRO G 164 1.26 6.17 13.92
CA PRO G 164 2.20 6.15 12.79
C PRO G 164 2.98 7.45 12.69
N ILE G 165 3.91 7.54 11.75
CA ILE G 165 4.72 8.74 11.61
C ILE G 165 3.83 9.89 11.16
N ARG G 166 3.79 10.95 11.96
CA ARG G 166 3.04 12.16 11.65
C ARG G 166 4.00 13.34 11.76
N VAL G 167 3.96 14.23 10.76
CA VAL G 167 4.87 15.37 10.68
C VAL G 167 4.03 16.65 10.63
N SER G 168 4.27 17.54 11.59
CA SER G 168 3.65 18.85 11.56
C SER G 168 4.17 19.65 10.36
N GLU G 169 3.45 20.73 10.03
CA GLU G 169 3.82 21.50 8.86
C GLU G 169 5.13 22.25 9.12
N PRO G 170 6.00 22.34 8.13
CA PRO G 170 7.31 22.95 8.34
C PRO G 170 7.25 24.47 8.38
N VAL G 171 8.26 25.06 9.02
CA VAL G 171 8.45 26.50 8.94
C VAL G 171 8.85 26.89 7.52
N LEU G 172 9.60 26.03 6.84
CA LEU G 172 10.03 26.30 5.48
C LEU G 172 10.34 24.98 4.79
N SER G 173 9.79 24.79 3.60
CA SER G 173 10.07 23.61 2.78
C SER G 173 10.95 24.05 1.62
N LEU G 174 12.09 23.38 1.47
CA LEU G 174 13.08 23.76 0.47
C LEU G 174 13.25 22.64 -0.53
N PRO G 175 12.85 22.83 -1.79
CA PRO G 175 13.05 21.78 -2.80
C PRO G 175 14.52 21.57 -3.10
N VAL G 176 14.91 20.30 -3.20
CA VAL G 176 16.28 19.90 -3.50
C VAL G 176 16.23 19.06 -4.78
N ARG G 177 16.60 19.68 -5.89
CA ARG G 177 16.54 19.02 -7.19
C ARG G 177 17.79 18.18 -7.45
N ARG G 178 17.63 17.20 -8.33
CA ARG G 178 18.75 16.34 -8.71
C ARG G 178 19.85 17.15 -9.36
N GLY G 179 21.07 16.99 -8.86
CA GLY G 179 22.22 17.70 -9.38
C GLY G 179 22.50 19.04 -8.73
N SER G 180 21.56 19.57 -7.94
CA SER G 180 21.76 20.85 -7.28
C SER G 180 22.43 20.66 -5.93
N VAL G 181 23.11 21.71 -5.47
CA VAL G 181 23.85 21.69 -4.22
C VAL G 181 23.15 22.58 -3.21
N THR G 182 23.08 22.12 -1.97
CA THR G 182 22.50 22.87 -0.86
C THR G 182 23.57 23.12 0.20
N VAL G 183 23.63 24.34 0.71
CA VAL G 183 24.58 24.73 1.74
C VAL G 183 23.79 25.29 2.91
N LEU G 184 23.99 24.71 4.10
CA LEU G 184 23.33 25.17 5.32
C LEU G 184 24.33 25.96 6.16
N SER G 185 23.93 27.17 6.57
CA SER G 185 24.79 28.06 7.32
C SER G 185 23.96 28.83 8.35
N GLY G 186 24.67 29.42 9.31
CA GLY G 186 24.08 30.29 10.32
C GLY G 186 22.83 29.78 11.00
N TYR G 187 21.72 30.51 10.83
CA TYR G 187 20.49 30.17 11.52
C TYR G 187 19.94 28.83 11.05
N ALA G 188 19.95 28.58 9.73
CA ALA G 188 19.39 27.35 9.20
C ALA G 188 20.14 26.12 9.65
N ALA G 189 21.40 26.26 10.06
CA ALA G 189 22.22 25.11 10.44
C ALA G 189 22.35 24.95 11.95
N ASP G 190 21.97 25.94 12.74
CA ASP G 190 22.20 25.94 14.18
C ASP G 190 20.94 26.14 15.01
N GLU G 191 20.06 27.06 14.62
CA GLU G 191 18.94 27.46 15.46
C GLU G 191 17.62 26.85 15.03
N ILE G 192 17.66 25.76 14.24
CA ILE G 192 16.45 25.08 13.80
C ILE G 192 16.83 23.70 13.28
N THR G 193 15.90 22.77 13.35
CA THR G 193 16.13 21.42 12.85
C THR G 193 15.79 21.33 11.37
N HIS G 194 16.26 20.25 10.74
CA HIS G 194 15.88 19.91 9.39
C HIS G 194 15.52 18.44 9.32
N CYS G 195 14.70 18.08 8.34
CA CYS G 195 14.17 16.73 8.23
C CYS G 195 13.76 16.47 6.79
N ILE G 196 13.37 15.23 6.53
CA ILE G 196 12.78 14.84 5.25
C ILE G 196 11.47 14.12 5.57
N ARG G 197 10.39 14.59 4.97
CA ARG G 197 9.12 13.95 5.29
C ARG G 197 8.86 12.76 4.37
N PRO G 198 8.17 11.74 4.87
CA PRO G 198 7.91 10.55 4.04
C PRO G 198 7.11 10.86 2.78
N GLN G 199 6.20 11.84 2.83
CA GLN G 199 5.43 12.18 1.65
C GLN G 199 6.22 12.95 0.60
N ASP G 200 7.46 13.33 0.92
CA ASP G 200 8.31 14.05 -0.02
C ASP G 200 9.29 13.14 -0.77
N ILE G 201 9.37 11.88 -0.37
CA ILE G 201 10.22 10.91 -1.06
C ILE G 201 9.26 10.01 -1.83
N LYS G 202 8.94 10.44 -3.06
CA LYS G 202 8.05 9.68 -3.92
C LYS G 202 8.81 8.66 -4.76
N GLU G 203 10.07 8.92 -5.08
CA GLU G 203 10.94 7.99 -5.78
C GLU G 203 12.19 7.74 -4.93
N ARG G 204 13.07 6.87 -5.44
CA ARG G 204 14.36 6.69 -4.80
C ARG G 204 15.17 7.98 -4.89
N ARG G 205 15.84 8.33 -3.80
CA ARG G 205 16.65 9.53 -3.74
C ARG G 205 17.91 9.27 -2.94
N ALA G 206 19.04 9.72 -3.46
CA ALA G 206 20.31 9.66 -2.77
C ALA G 206 20.87 11.07 -2.60
N VAL G 207 21.56 11.29 -1.48
CA VAL G 207 22.17 12.58 -1.18
C VAL G 207 23.53 12.34 -0.54
N ILE G 208 24.55 13.02 -1.06
CA ILE G 208 25.90 12.93 -0.55
C ILE G 208 26.16 14.17 0.31
N ILE G 209 26.27 13.98 1.62
CA ILE G 209 26.49 15.06 2.57
C ILE G 209 27.98 15.18 2.84
N LEU G 210 28.51 16.38 2.67
CA LEU G 210 29.94 16.64 2.83
C LEU G 210 30.13 17.66 3.94
N ARG G 211 30.83 17.26 4.99
CA ARG G 211 31.01 18.09 6.17
C ARG G 211 32.43 17.95 6.68
N LYS G 212 32.83 18.90 7.53
CA LYS G 212 34.11 18.86 8.21
C LYS G 212 33.85 18.65 9.70
N THR G 213 34.40 17.58 10.26
CA THR G 213 34.26 17.31 11.68
C THR G 213 35.22 18.19 12.47
N ARG G 214 34.77 18.65 13.63
CA ARG G 214 35.62 19.44 14.50
C ARG G 214 36.83 18.62 14.94
N LEU G 215 37.96 19.31 15.12
CA LEU G 215 39.17 18.63 15.56
C LEU G 215 39.04 18.08 16.98
N ASP G 216 38.12 18.61 17.77
CA ASP G 216 37.89 18.13 19.14
C ASP G 216 36.63 17.29 19.27
N ALA G 217 36.14 16.73 18.16
CA ALA G 217 34.94 15.90 18.21
C ALA G 217 35.23 14.63 19.00
N PRO G 218 34.40 14.27 19.96
CA PRO G 218 34.69 13.07 20.77
C PRO G 218 34.46 11.80 19.97
N ARG G 219 35.23 10.77 20.32
CA ARG G 219 35.17 9.48 19.65
C ARG G 219 34.86 8.38 20.65
N LEU G 220 34.31 7.28 20.14
CA LEU G 220 33.98 6.13 20.95
C LEU G 220 35.25 5.47 21.51
N GLN I 3 -30.55 11.98 -17.90
CA GLN I 3 -31.07 12.05 -16.54
C GLN I 3 -30.11 11.45 -15.53
N LEU I 4 -29.76 10.17 -15.74
CA LEU I 4 -28.96 9.47 -14.74
C LEU I 4 -27.49 9.89 -14.81
N GLN I 5 -26.99 10.21 -16.00
CA GLN I 5 -25.58 10.59 -16.12
C GLN I 5 -25.29 11.88 -15.36
N LYS I 6 -26.21 12.86 -15.43
CA LYS I 6 -26.02 14.08 -14.67
C LYS I 6 -26.08 13.83 -13.16
N GLU I 7 -26.86 12.82 -12.74
CA GLU I 7 -26.90 12.48 -11.32
C GLU I 7 -25.58 11.87 -10.86
N GLU I 8 -24.83 11.24 -11.77
CA GLU I 8 -23.54 10.68 -11.40
C GLU I 8 -22.53 11.77 -11.11
N GLU I 9 -22.52 12.83 -11.92
CA GLU I 9 -21.64 13.96 -11.67
C GLU I 9 -21.99 14.65 -10.35
N ALA I 10 -23.27 14.67 -9.99
CA ALA I 10 -23.68 15.25 -8.71
C ALA I 10 -23.19 14.41 -7.54
N ARG I 11 -23.12 13.09 -7.71
CA ARG I 11 -22.60 12.24 -6.64
C ARG I 11 -21.13 12.54 -6.37
N LYS I 12 -20.35 12.83 -7.42
CA LYS I 12 -18.96 13.21 -7.23
C LYS I 12 -18.86 14.49 -6.40
N VAL I 13 -19.78 15.44 -6.63
CA VAL I 13 -19.78 16.68 -5.86
C VAL I 13 -20.18 16.41 -4.42
N LYS I 14 -21.19 15.55 -4.20
CA LYS I 14 -21.63 15.24 -2.85
C LYS I 14 -20.57 14.50 -2.06
N SER I 15 -19.63 13.81 -2.73
CA SER I 15 -18.58 13.09 -2.05
C SER I 15 -17.58 14.01 -1.35
N GLY I 16 -17.68 15.33 -1.57
CA GLY I 16 -16.79 16.27 -0.93
C GLY I 16 -17.51 17.42 -0.27
N ILE I 17 -18.73 17.17 0.22
CA ILE I 17 -19.55 18.19 0.86
C ILE I 17 -20.01 17.68 2.21
N ARG I 18 -19.74 18.46 3.26
CA ARG I 18 -20.28 18.23 4.59
C ARG I 18 -21.17 19.42 4.95
N GLN I 19 -22.20 19.16 5.75
CA GLN I 19 -23.13 20.22 6.14
C GLN I 19 -23.73 19.88 7.50
N MET I 20 -23.57 20.80 8.46
CA MET I 20 -24.14 20.65 9.79
C MET I 20 -24.69 21.98 10.27
N ARG I 21 -25.82 21.93 10.98
CA ARG I 21 -26.32 23.11 11.69
C ARG I 21 -25.61 23.19 13.03
N LEU I 22 -24.96 24.31 13.30
CA LEU I 22 -24.05 24.38 14.44
C LEU I 22 -24.34 25.57 15.36
N PHE I 23 -24.87 26.65 14.81
CA PHE I 23 -25.10 27.88 15.56
C PHE I 23 -26.59 28.07 15.81
N SER I 24 -26.92 28.38 17.06
CA SER I 24 -28.32 28.59 17.45
C SER I 24 -28.79 29.97 16.99
N GLN I 25 -30.09 30.23 17.21
CA GLN I 25 -30.67 31.50 16.81
C GLN I 25 -30.02 32.67 17.56
N ASP I 26 -29.67 32.46 18.83
CA ASP I 26 -29.04 33.51 19.60
C ASP I 26 -27.58 33.70 19.19
N GLU I 27 -26.89 32.60 18.87
CA GLU I 27 -25.50 32.70 18.44
C GLU I 27 -25.40 33.41 17.09
N CYS I 28 -26.31 33.10 16.16
CA CYS I 28 -26.29 33.79 14.87
C CYS I 28 -26.59 35.28 15.04
N ALA I 29 -27.57 35.61 15.88
CA ALA I 29 -27.93 37.01 16.08
C ALA I 29 -26.77 37.80 16.65
N LYS I 30 -25.92 37.17 17.46
CA LYS I 30 -24.73 37.85 17.97
C LYS I 30 -23.66 38.00 16.89
N ILE I 31 -23.43 36.93 16.11
CA ILE I 31 -22.47 37.02 15.02
C ILE I 31 -22.96 37.98 13.95
N GLU I 32 -24.28 38.00 13.71
CA GLU I 32 -24.84 38.96 12.77
C GLU I 32 -24.67 40.39 13.26
N ALA I 33 -24.72 40.61 14.58
CA ALA I 33 -24.46 41.94 15.12
C ALA I 33 -23.01 42.36 14.90
N ARG I 34 -22.09 41.40 14.93
CA ARG I 34 -20.69 41.72 14.65
C ARG I 34 -20.48 42.06 13.19
N ILE I 35 -21.21 41.41 12.29
CA ILE I 35 -21.07 41.69 10.86
C ILE I 35 -21.56 43.10 10.55
N ASP I 36 -22.65 43.53 11.18
CA ASP I 36 -23.12 44.90 10.99
C ASP I 36 -22.12 45.90 11.54
N GLU I 37 -21.37 45.53 12.57
CA GLU I 37 -20.30 46.40 13.06
C GLU I 37 -19.15 46.47 12.05
N VAL I 38 -18.87 45.35 11.37
CA VAL I 38 -17.81 45.35 10.36
C VAL I 38 -18.19 46.25 9.19
N VAL I 39 -19.46 46.21 8.79
CA VAL I 39 -19.91 47.07 7.70
C VAL I 39 -19.84 48.54 8.10
N SER I 40 -20.13 48.84 9.37
CA SER I 40 -20.06 50.22 9.83
C SER I 40 -18.62 50.70 9.93
N ARG I 41 -17.71 49.83 10.38
CA ARG I 41 -16.30 50.20 10.44
C ARG I 41 -15.74 50.45 9.04
N ALA I 42 -16.21 49.68 8.05
CA ALA I 42 -15.76 49.89 6.68
C ALA I 42 -16.25 51.21 6.13
N GLU I 43 -17.50 51.58 6.44
CA GLU I 43 -18.04 52.86 5.97
C GLU I 43 -17.29 54.04 6.56
N LYS I 44 -16.78 53.90 7.79
CA LYS I 44 -16.01 54.96 8.42
C LYS I 44 -14.54 54.96 8.03
N GLY I 45 -14.14 54.05 7.15
CA GLY I 45 -12.75 53.98 6.72
C GLY I 45 -11.78 53.58 7.80
N LEU I 46 -12.20 52.72 8.72
CA LEU I 46 -11.35 52.32 9.84
C LEU I 46 -10.52 51.08 9.52
N TYR I 47 -10.73 50.44 8.38
CA TYR I 47 -9.96 49.28 7.97
C TYR I 47 -8.89 49.68 6.95
N ASN I 48 -7.94 48.79 6.74
CA ASN I 48 -6.86 49.05 5.81
C ASN I 48 -7.40 49.12 4.38
N GLU I 49 -6.51 49.45 3.44
CA GLU I 49 -6.91 49.72 2.07
C GLU I 49 -7.56 48.50 1.43
N HIS I 50 -6.83 47.39 1.37
CA HIS I 50 -7.30 46.19 0.67
C HIS I 50 -8.17 45.28 1.54
N THR I 51 -8.57 45.73 2.73
CA THR I 51 -9.47 44.94 3.55
C THR I 51 -10.88 44.92 2.97
N VAL I 52 -11.34 46.05 2.44
CA VAL I 52 -12.69 46.19 1.91
C VAL I 52 -12.63 46.09 0.38
N ASP I 53 -13.48 45.24 -0.18
CA ASP I 53 -13.59 45.08 -1.63
C ASP I 53 -15.07 45.18 -2.00
N ARG I 54 -15.44 46.26 -2.69
CA ARG I 54 -16.84 46.60 -2.91
C ARG I 54 -17.27 46.30 -4.34
N ALA I 55 -18.46 45.73 -4.46
CA ALA I 55 -19.16 45.49 -5.72
C ALA I 55 -20.57 46.05 -5.57
N PRO I 56 -21.29 46.23 -6.69
CA PRO I 56 -22.65 46.81 -6.59
C PRO I 56 -23.56 46.11 -5.59
N LEU I 57 -23.53 44.77 -5.52
CA LEU I 57 -24.38 44.04 -4.59
C LEU I 57 -23.63 43.09 -3.65
N ARG I 58 -22.32 42.92 -3.83
CA ARG I 58 -21.53 42.06 -2.95
C ARG I 58 -20.39 42.86 -2.35
N ASN I 59 -20.12 42.63 -1.06
CA ASN I 59 -18.98 43.23 -0.38
C ASN I 59 -18.14 42.14 0.24
N LYS I 60 -16.83 42.15 -0.06
CA LYS I 60 -15.87 41.22 0.52
C LYS I 60 -15.02 41.96 1.55
N TYR I 61 -14.94 41.40 2.74
CA TYR I 61 -14.12 41.94 3.82
C TYR I 61 -13.02 40.92 4.13
N PHE I 62 -11.79 41.26 3.78
CA PHE I 62 -10.66 40.35 3.93
C PHE I 62 -10.04 40.53 5.31
N PHE I 63 -9.96 39.44 6.07
CA PHE I 63 -9.32 39.43 7.38
C PHE I 63 -8.32 38.28 7.43
N GLY I 64 -7.16 38.55 8.03
CA GLY I 64 -6.10 37.56 8.08
C GLY I 64 -5.32 37.48 6.78
N GLU I 65 -5.99 37.08 5.70
CA GLU I 65 -5.38 37.00 4.38
C GLU I 65 -6.40 37.41 3.32
N GLY I 66 -5.94 38.21 2.36
CA GLY I 66 -6.75 38.60 1.23
C GLY I 66 -6.15 38.16 -0.08
N TYR I 67 -6.96 38.11 -1.14
CA TYR I 67 -6.51 37.65 -2.44
C TYR I 67 -7.01 38.58 -3.53
N THR I 68 -6.29 38.58 -4.65
CA THR I 68 -6.69 39.29 -5.85
C THR I 68 -7.39 38.32 -6.80
N TYR I 69 -8.35 38.84 -7.56
CA TYR I 69 -9.16 37.98 -8.41
C TYR I 69 -9.83 38.82 -9.49
N GLY I 70 -10.31 38.13 -10.53
CA GLY I 70 -11.11 38.78 -11.55
C GLY I 70 -10.32 39.82 -12.31
N ALA I 71 -10.91 41.02 -12.44
CA ALA I 71 -10.26 42.11 -13.16
C ALA I 71 -9.04 42.65 -12.42
N GLN I 72 -8.90 42.35 -11.13
CA GLN I 72 -7.72 42.77 -10.38
C GLN I 72 -6.46 42.05 -10.83
N LEU I 73 -6.59 40.99 -11.61
CA LEU I 73 -5.45 40.30 -12.19
C LEU I 73 -5.15 40.89 -13.56
N GLN I 74 -3.90 41.35 -13.74
CA GLN I 74 -3.52 41.98 -15.00
C GLN I 74 -3.67 41.00 -16.17
N LYS I 75 -3.33 39.74 -15.96
CA LYS I 75 -3.48 38.69 -16.96
C LYS I 75 -4.41 37.63 -16.38
N ARG I 76 -5.69 37.68 -16.77
CA ARG I 76 -6.69 36.77 -16.23
C ARG I 76 -6.44 35.33 -16.69
N GLY I 77 -5.65 34.58 -15.93
CA GLY I 77 -5.36 33.21 -16.24
C GLY I 77 -5.37 32.33 -15.02
N PRO I 78 -5.27 31.01 -15.22
CA PRO I 78 -5.23 30.10 -14.07
C PRO I 78 -3.95 30.27 -13.27
N GLY I 79 -4.08 30.21 -11.95
CA GLY I 79 -2.93 30.34 -11.08
C GLY I 79 -2.37 31.74 -10.97
N GLN I 80 -3.18 32.76 -11.27
CA GLN I 80 -2.74 34.14 -11.21
C GLN I 80 -3.14 34.85 -9.93
N GLU I 81 -3.98 34.24 -9.11
CA GLU I 81 -4.37 34.85 -7.83
C GLU I 81 -3.15 35.00 -6.94
N ARG I 82 -3.08 36.13 -6.24
CA ARG I 82 -1.96 36.46 -5.36
C ARG I 82 -2.49 36.97 -4.04
N LEU I 83 -1.82 36.57 -2.96
CA LEU I 83 -2.12 37.15 -1.66
C LEU I 83 -1.60 38.58 -1.59
N TYR I 84 -2.16 39.36 -0.68
CA TYR I 84 -1.70 40.72 -0.47
C TYR I 84 -0.42 40.72 0.36
N PRO I 85 0.33 41.82 0.35
CA PRO I 85 1.56 41.89 1.13
C PRO I 85 1.32 41.54 2.59
N PRO I 86 2.34 41.06 3.30
CA PRO I 86 2.14 40.65 4.69
C PRO I 86 1.73 41.82 5.57
N GLY I 87 0.69 41.59 6.38
CA GLY I 87 0.20 42.63 7.25
C GLY I 87 -0.56 43.74 6.56
N ASP I 88 -1.00 43.52 5.32
CA ASP I 88 -1.72 44.57 4.61
C ASP I 88 -3.18 44.61 5.04
N VAL I 89 -3.90 43.50 4.89
CA VAL I 89 -5.28 43.45 5.34
C VAL I 89 -5.33 43.38 6.86
N ASP I 90 -6.51 43.68 7.41
CA ASP I 90 -6.69 43.65 8.85
C ASP I 90 -6.59 42.22 9.38
N GLU I 91 -6.24 42.10 10.66
CA GLU I 91 -6.19 40.81 11.30
C GLU I 91 -7.61 40.28 11.54
N ILE I 92 -7.68 38.97 11.81
CA ILE I 92 -8.92 38.30 12.15
C ILE I 92 -9.45 38.90 13.44
N PRO I 93 -10.67 39.42 13.45
CA PRO I 93 -11.22 40.01 14.68
C PRO I 93 -11.33 38.98 15.79
N GLU I 94 -11.32 39.47 17.03
CA GLU I 94 -11.34 38.58 18.18
C GLU I 94 -12.66 37.80 18.25
N TRP I 95 -13.76 38.42 17.82
CA TRP I 95 -15.04 37.73 17.85
C TRP I 95 -15.11 36.63 16.81
N VAL I 96 -14.34 36.73 15.74
CA VAL I 96 -14.28 35.65 14.76
C VAL I 96 -13.52 34.46 15.33
N HIS I 97 -12.43 34.71 16.06
CA HIS I 97 -11.69 33.63 16.69
C HIS I 97 -12.52 32.94 17.77
N GLN I 98 -13.18 33.73 18.62
CA GLN I 98 -13.85 33.17 19.79
C GLN I 98 -15.19 32.53 19.44
N LEU I 99 -16.01 33.22 18.65
CA LEU I 99 -17.36 32.73 18.37
C LEU I 99 -17.41 31.73 17.23
N VAL I 100 -16.73 32.01 16.12
CA VAL I 100 -16.85 31.20 14.91
C VAL I 100 -15.83 30.07 14.91
N ILE I 101 -14.55 30.41 14.96
CA ILE I 101 -13.50 29.42 14.77
C ILE I 101 -13.45 28.44 15.93
N GLN I 102 -13.56 28.95 17.17
CA GLN I 102 -13.53 28.07 18.32
C GLN I 102 -14.68 27.08 18.31
N LYS I 103 -15.85 27.51 17.82
CA LYS I 103 -16.99 26.61 17.73
C LYS I 103 -16.76 25.53 16.69
N LEU I 104 -15.99 25.83 15.65
CA LEU I 104 -15.68 24.82 14.63
C LEU I 104 -14.54 23.92 15.08
N VAL I 105 -13.54 24.48 15.75
CA VAL I 105 -12.40 23.68 16.22
C VAL I 105 -12.88 22.62 17.21
N GLU I 106 -13.79 23.00 18.12
CA GLU I 106 -14.23 22.08 19.16
C GLU I 106 -15.15 21.00 18.62
N HIS I 107 -15.93 21.31 17.57
CA HIS I 107 -16.77 20.31 16.94
C HIS I 107 -16.02 19.49 15.89
N ARG I 108 -14.69 19.51 15.91
CA ARG I 108 -13.86 18.62 15.10
C ARG I 108 -14.06 18.86 13.61
N VAL I 109 -14.50 20.06 13.24
CA VAL I 109 -14.65 20.39 11.82
C VAL I 109 -13.30 20.68 11.20
N ILE I 110 -12.48 21.44 11.92
CA ILE I 110 -11.12 21.77 11.48
C ILE I 110 -10.22 21.87 12.68
N PRO I 111 -8.94 21.52 12.50
CA PRO I 111 -7.99 21.55 13.60
C PRO I 111 -7.73 22.96 14.13
N GLU I 112 -7.21 23.01 15.34
CA GLU I 112 -6.85 24.27 15.97
C GLU I 112 -5.60 24.84 15.30
N GLY I 113 -5.65 26.13 14.98
CA GLY I 113 -4.56 26.75 14.25
C GLY I 113 -4.63 26.59 12.75
N PHE I 114 -5.65 25.91 12.23
CA PHE I 114 -5.77 25.72 10.79
C PHE I 114 -6.11 27.03 10.08
N VAL I 115 -7.14 27.73 10.58
CA VAL I 115 -7.64 28.92 9.91
C VAL I 115 -6.69 30.08 10.17
N ASN I 116 -6.22 30.71 9.09
CA ASN I 116 -5.50 31.97 9.17
C ASN I 116 -6.10 33.03 8.25
N SER I 117 -7.23 32.74 7.60
CA SER I 117 -7.87 33.65 6.68
C SER I 117 -9.38 33.58 6.88
N ALA I 118 -10.00 34.73 7.10
CA ALA I 118 -11.44 34.85 7.26
C ALA I 118 -11.95 35.95 6.34
N VAL I 119 -12.93 35.61 5.49
CA VAL I 119 -13.49 36.55 4.54
C VAL I 119 -14.99 36.58 4.73
N ILE I 120 -15.55 37.77 4.96
CA ILE I 120 -16.97 37.97 5.11
C ILE I 120 -17.52 38.52 3.81
N ASN I 121 -18.45 37.78 3.19
CA ASN I 121 -19.13 38.24 1.98
C ASN I 121 -20.53 38.70 2.37
N ASP I 122 -20.84 39.96 2.06
CA ASP I 122 -22.15 40.55 2.36
C ASP I 122 -22.87 40.78 1.05
N TYR I 123 -23.91 39.97 0.80
CA TYR I 123 -24.69 40.05 -0.43
C TYR I 123 -25.97 40.82 -0.17
N GLN I 124 -26.21 41.85 -0.99
CA GLN I 124 -27.52 42.47 -1.03
C GLN I 124 -28.47 41.61 -1.86
N PRO I 125 -29.78 41.81 -1.72
CA PRO I 125 -30.73 41.07 -2.56
C PRO I 125 -30.42 41.21 -4.04
N GLY I 126 -30.30 40.08 -4.73
CA GLY I 126 -29.92 40.05 -6.12
C GLY I 126 -28.44 39.88 -6.37
N GLY I 127 -27.62 39.86 -5.32
CA GLY I 127 -26.19 39.69 -5.49
C GLY I 127 -25.82 38.29 -5.95
N CYS I 128 -24.57 38.14 -6.36
CA CYS I 128 -24.09 36.87 -6.89
C CYS I 128 -22.57 36.88 -6.90
N ILE I 129 -22.00 35.71 -7.16
CA ILE I 129 -20.57 35.57 -7.42
C ILE I 129 -20.40 34.57 -8.56
N VAL I 130 -19.58 34.93 -9.55
CA VAL I 130 -19.43 34.11 -10.75
C VAL I 130 -18.73 32.81 -10.40
N SER I 131 -19.06 31.75 -11.14
CA SER I 131 -18.49 30.43 -10.91
C SER I 131 -16.97 30.48 -10.91
N HIS I 132 -16.39 29.77 -9.94
CA HIS I 132 -14.94 29.77 -9.77
C HIS I 132 -14.54 28.56 -8.95
N VAL I 133 -13.25 28.25 -9.02
CA VAL I 133 -12.62 27.28 -8.12
C VAL I 133 -11.69 28.07 -7.21
N ASP I 134 -11.90 27.93 -5.89
CA ASP I 134 -11.01 28.56 -4.93
C ASP I 134 -9.57 28.17 -5.24
N PRO I 135 -8.70 29.12 -5.58
CA PRO I 135 -7.40 28.80 -6.17
C PRO I 135 -6.60 27.76 -5.38
N ILE I 136 -6.37 26.61 -6.03
CA ILE I 136 -5.64 25.51 -5.40
C ILE I 136 -4.19 25.90 -5.10
N HIS I 137 -3.66 26.91 -5.78
CA HIS I 137 -2.31 27.38 -5.50
C HIS I 137 -2.27 28.38 -4.36
N ILE I 138 -3.42 28.79 -3.83
CA ILE I 138 -3.50 29.77 -2.76
C ILE I 138 -3.94 29.13 -1.45
N PHE I 139 -5.09 28.45 -1.46
CA PHE I 139 -5.69 27.92 -0.26
C PHE I 139 -5.51 26.41 -0.16
N GLU I 140 -5.53 25.90 1.07
CA GLU I 140 -5.58 24.48 1.32
C GLU I 140 -7.03 24.02 1.34
N ARG I 141 -7.24 22.74 1.63
CA ARG I 141 -8.56 22.18 1.82
C ARG I 141 -8.68 21.63 3.24
N PRO I 142 -9.86 21.69 3.85
CA PRO I 142 -11.15 22.13 3.29
C PRO I 142 -11.38 23.63 3.29
N ILE I 143 -12.42 24.06 2.59
CA ILE I 143 -12.94 25.42 2.66
C ILE I 143 -14.22 25.39 3.48
N VAL I 144 -14.27 26.19 4.54
CA VAL I 144 -15.38 26.21 5.48
C VAL I 144 -16.12 27.53 5.35
N SER I 145 -17.45 27.46 5.33
CA SER I 145 -18.29 28.65 5.19
C SER I 145 -19.53 28.50 6.06
N VAL I 146 -19.89 29.58 6.74
CA VAL I 146 -21.08 29.62 7.60
C VAL I 146 -21.97 30.77 7.12
N SER I 147 -23.22 30.46 6.82
CA SER I 147 -24.16 31.45 6.32
C SER I 147 -24.89 32.14 7.47
N PHE I 148 -25.29 33.39 7.23
CA PHE I 148 -26.00 34.18 8.23
C PHE I 148 -27.02 35.07 7.54
N PHE I 149 -27.93 35.60 8.36
CA PHE I 149 -29.00 36.52 7.94
C PHE I 149 -30.08 35.83 7.10
N SER I 150 -29.70 34.95 6.17
CA SER I 150 -30.68 34.36 5.28
C SER I 150 -30.27 32.95 4.88
N ASP I 151 -31.27 32.18 4.46
CA ASP I 151 -31.05 30.89 3.82
C ASP I 151 -30.95 31.09 2.31
N SER I 152 -29.97 30.45 1.70
CA SER I 152 -29.75 30.61 0.26
C SER I 152 -29.27 29.27 -0.30
N ALA I 153 -28.66 29.30 -1.47
CA ALA I 153 -28.21 28.09 -2.14
C ALA I 153 -26.83 28.32 -2.77
N LEU I 154 -26.00 27.29 -2.71
CA LEU I 154 -24.69 27.29 -3.36
C LEU I 154 -24.72 26.28 -4.50
N CYS I 155 -24.57 26.76 -5.73
CA CYS I 155 -24.65 25.92 -6.91
C CYS I 155 -23.26 25.52 -7.38
N PHE I 156 -23.20 24.46 -8.18
CA PHE I 156 -21.96 23.91 -8.68
C PHE I 156 -22.03 23.72 -10.19
N GLY I 157 -20.91 23.98 -10.86
CA GLY I 157 -20.79 23.72 -12.29
C GLY I 157 -21.68 24.57 -13.16
N CYS I 158 -21.87 25.82 -12.81
CA CYS I 158 -22.71 26.73 -13.60
C CYS I 158 -21.86 27.51 -14.60
N LYS I 159 -22.49 27.91 -15.70
CA LYS I 159 -21.86 28.76 -16.70
C LYS I 159 -22.57 30.10 -16.73
N PHE I 160 -21.79 31.17 -16.65
CA PHE I 160 -22.31 32.53 -16.55
C PHE I 160 -22.27 33.20 -17.91
N GLN I 161 -23.44 33.65 -18.38
CA GLN I 161 -23.54 34.58 -19.50
C GLN I 161 -23.97 35.93 -18.96
N PHE I 162 -23.39 36.99 -19.51
CA PHE I 162 -23.56 38.33 -18.96
C PHE I 162 -24.30 39.24 -19.94
N LYS I 163 -24.74 40.38 -19.41
CA LYS I 163 -25.47 41.41 -20.13
C LYS I 163 -26.71 40.85 -20.83
N PRO I 164 -27.76 40.47 -20.09
CA PRO I 164 -27.82 40.44 -18.62
C PRO I 164 -27.25 39.15 -18.06
N ILE I 165 -27.07 39.08 -16.74
CA ILE I 165 -26.49 37.89 -16.13
C ILE I 165 -27.47 36.73 -16.24
N ARG I 166 -27.02 35.64 -16.86
CA ARG I 166 -27.82 34.43 -17.02
C ARG I 166 -26.98 33.23 -16.61
N VAL I 167 -27.55 32.36 -15.79
CA VAL I 167 -26.84 31.22 -15.22
C VAL I 167 -27.46 29.94 -15.76
N SER I 168 -26.62 28.99 -16.13
CA SER I 168 -27.05 27.75 -16.76
C SER I 168 -27.56 26.78 -15.69
N GLU I 169 -27.88 25.55 -16.10
CA GLU I 169 -28.34 24.54 -15.15
C GLU I 169 -27.18 24.09 -14.27
N PRO I 170 -27.31 24.15 -12.94
CA PRO I 170 -26.23 23.67 -12.07
C PRO I 170 -26.18 22.15 -12.05
N VAL I 171 -24.95 21.62 -11.87
CA VAL I 171 -24.80 20.19 -11.65
C VAL I 171 -25.40 19.80 -10.31
N LEU I 172 -25.23 20.65 -9.29
CA LEU I 172 -25.81 20.42 -7.97
C LEU I 172 -26.16 21.76 -7.36
N SER I 173 -27.35 21.86 -6.79
CA SER I 173 -27.81 23.05 -6.08
C SER I 173 -27.89 22.70 -4.59
N LEU I 174 -27.02 23.31 -3.80
CA LEU I 174 -26.90 22.98 -2.38
C LEU I 174 -27.48 24.10 -1.53
N PRO I 175 -28.60 23.89 -0.83
CA PRO I 175 -29.14 24.94 0.03
C PRO I 175 -28.28 25.14 1.26
N VAL I 176 -27.95 26.41 1.55
CA VAL I 176 -27.17 26.78 2.71
C VAL I 176 -28.08 27.56 3.66
N ARG I 177 -28.39 26.97 4.81
CA ARG I 177 -29.28 27.58 5.77
C ARG I 177 -28.51 28.49 6.73
N ARG I 178 -29.25 29.43 7.32
CA ARG I 178 -28.66 30.32 8.32
C ARG I 178 -28.16 29.52 9.52
N GLY I 179 -26.90 29.72 9.88
CA GLY I 179 -26.28 28.99 10.96
C GLY I 179 -25.67 27.67 10.57
N SER I 180 -25.97 27.17 9.37
CA SER I 180 -25.41 25.90 8.92
C SER I 180 -24.00 26.11 8.39
N VAL I 181 -23.15 25.10 8.60
CA VAL I 181 -21.77 25.11 8.13
C VAL I 181 -21.67 24.28 6.86
N THR I 182 -20.95 24.79 5.88
CA THR I 182 -20.69 24.08 4.63
C THR I 182 -19.20 23.82 4.50
N VAL I 183 -18.84 22.56 4.22
CA VAL I 183 -17.45 22.14 4.11
C VAL I 183 -17.25 21.61 2.69
N LEU I 184 -16.45 22.31 1.90
CA LEU I 184 -16.10 21.87 0.56
C LEU I 184 -14.75 21.17 0.58
N SER I 185 -14.67 20.03 -0.09
CA SER I 185 -13.46 19.21 -0.07
C SER I 185 -13.44 18.33 -1.31
N GLY I 186 -12.27 17.75 -1.57
CA GLY I 186 -12.08 16.79 -2.64
C GLY I 186 -12.57 17.24 -4.01
N TYR I 187 -13.55 16.51 -4.55
CA TYR I 187 -14.05 16.81 -5.88
C TYR I 187 -14.80 18.13 -5.92
N ALA I 188 -15.62 18.41 -4.89
CA ALA I 188 -16.44 19.60 -4.90
C ALA I 188 -15.63 20.88 -4.76
N ALA I 189 -14.37 20.79 -4.32
CA ALA I 189 -13.53 21.96 -4.14
C ALA I 189 -12.39 22.06 -5.15
N ASP I 190 -12.08 20.97 -5.87
CA ASP I 190 -10.94 20.95 -6.77
C ASP I 190 -11.30 20.70 -8.23
N GLU I 191 -12.38 19.96 -8.51
CA GLU I 191 -12.68 19.54 -9.87
C GLU I 191 -13.99 20.08 -10.41
N ILE I 192 -14.58 21.08 -9.74
CA ILE I 192 -15.82 21.69 -10.23
C ILE I 192 -15.92 23.08 -9.61
N THR I 193 -16.55 23.99 -10.33
CA THR I 193 -16.73 25.35 -9.84
C THR I 193 -17.97 25.43 -8.95
N HIS I 194 -18.01 26.47 -8.12
CA HIS I 194 -19.18 26.80 -7.32
C HIS I 194 -19.48 28.28 -7.45
N CYS I 195 -20.74 28.63 -7.21
CA CYS I 195 -21.18 30.01 -7.41
C CYS I 195 -22.44 30.25 -6.61
N ILE I 196 -22.87 31.51 -6.60
CA ILE I 196 -24.16 31.93 -6.07
C ILE I 196 -24.90 32.65 -7.19
N ARG I 197 -26.13 32.24 -7.43
CA ARG I 197 -26.89 32.85 -8.51
C ARG I 197 -27.72 34.02 -8.00
N PRO I 198 -27.99 35.01 -8.86
CA PRO I 198 -28.77 36.18 -8.41
C PRO I 198 -30.13 35.83 -7.84
N GLN I 199 -30.82 34.83 -8.42
CA GLN I 199 -32.14 34.47 -7.91
C GLN I 199 -32.09 33.67 -6.62
N ASP I 200 -30.90 33.25 -6.18
CA ASP I 200 -30.77 32.53 -4.92
C ASP I 200 -30.56 33.46 -3.73
N ILE I 201 -30.35 34.75 -3.98
CA ILE I 201 -30.21 35.73 -2.91
C ILE I 201 -31.51 36.53 -2.93
N LYS I 202 -32.50 36.06 -2.17
CA LYS I 202 -33.78 36.74 -2.08
C LYS I 202 -33.78 37.81 -1.01
N GLU I 203 -32.99 37.64 0.04
CA GLU I 203 -32.82 38.65 1.08
C GLU I 203 -31.33 38.80 1.38
N ARG I 204 -31.01 39.76 2.25
CA ARG I 204 -29.61 40.01 2.59
C ARG I 204 -29.01 38.76 3.23
N ARG I 205 -27.86 38.34 2.71
CA ARG I 205 -27.16 37.16 3.20
C ARG I 205 -25.69 37.50 3.43
N ALA I 206 -25.17 37.08 4.57
CA ALA I 206 -23.75 37.19 4.87
C ALA I 206 -23.18 35.81 5.14
N VAL I 207 -21.94 35.60 4.69
CA VAL I 207 -21.26 34.31 4.85
C VAL I 207 -19.81 34.58 5.25
N ILE I 208 -19.35 33.87 6.27
CA ILE I 208 -17.96 33.95 6.72
C ILE I 208 -17.24 32.72 6.20
N ILE I 209 -16.27 32.93 5.32
CA ILE I 209 -15.48 31.85 4.73
C ILE I 209 -14.16 31.77 5.47
N LEU I 210 -13.83 30.57 5.94
CA LEU I 210 -12.63 30.33 6.75
C LEU I 210 -11.74 29.36 6.00
N ARG I 211 -10.53 29.80 5.66
CA ARG I 211 -9.62 29.01 4.85
C ARG I 211 -8.21 29.12 5.42
N LYS I 212 -7.34 28.21 4.97
CA LYS I 212 -5.92 28.25 5.29
C LYS I 212 -5.14 28.44 4.01
N THR I 213 -4.28 29.45 3.99
CA THR I 213 -3.41 29.68 2.85
C THR I 213 -2.24 28.71 2.88
N ARG I 214 -1.83 28.26 1.70
CA ARG I 214 -0.71 27.34 1.59
C ARG I 214 0.58 28.01 2.06
N LEU I 215 1.53 27.17 2.48
CA LEU I 215 2.82 27.68 2.90
C LEU I 215 3.56 28.35 1.76
N ASP I 216 3.39 27.86 0.53
CA ASP I 216 4.04 28.41 -0.65
C ASP I 216 3.13 29.36 -1.42
N ALA I 217 2.11 29.91 -0.77
CA ALA I 217 1.18 30.79 -1.47
C ALA I 217 1.88 32.09 -1.86
N PRO I 218 1.86 32.48 -3.13
CA PRO I 218 2.55 33.70 -3.55
C PRO I 218 1.78 34.95 -3.14
N ARG I 219 2.55 36.03 -2.96
CA ARG I 219 1.99 37.32 -2.58
C ARG I 219 2.32 38.36 -3.65
N LEU I 220 1.76 39.55 -3.47
CA LEU I 220 2.06 40.69 -4.33
C LEU I 220 3.36 41.36 -3.86
#